data_6W1I
#
_entry.id   6W1I
#
_cell.length_a   42.503
_cell.length_b   115.902
_cell.length_c   73.985
_cell.angle_alpha   90.000
_cell.angle_beta   94.300
_cell.angle_gamma   90.000
#
_symmetry.space_group_name_H-M   'P 1 21 1'
#
loop_
_entity.id
_entity.type
_entity.pdbx_description
1 polymer 'Xanthine phosphoribosyltransferase'
2 non-polymer 'SODIUM ION'
3 non-polymer "GUANOSINE-5',3'-TETRAPHOSPHATE"
4 water water
#
_entity_poly.entity_id   1
_entity_poly.type   'polypeptide(L)'
_entity_poly.pdbx_seq_one_letter_code
;SNA(MSE)EALKRKIEEEGVVLSDQVLKVDSFLNHQIDPLL(MSE)QRIGDEFASRFAKDGITKIVTIESSGIAPAV
(MSE)TGLKLGVPVVFARKHKSLTLTDNLLTASVYSFTKQTESQIAVSGTHLSDQDHVLIIDDFLANGQAAHGLVSIVKQ
AGASIAGIGIVIEKSFQPGRDELVKLGYRVESLARIQSLEEGKVSFVQEVHS
;
_entity_poly.pdbx_strand_id   A,B,C,D
#
# COMPACT_ATOMS: atom_id res chain seq x y z
N SER A 1 -17.91 28.02 28.93
CA SER A 1 -16.71 27.16 29.20
C SER A 1 -15.55 27.53 28.27
N ASN A 2 -14.33 27.20 28.68
CA ASN A 2 -13.21 27.27 27.77
C ASN A 2 -13.18 26.00 26.90
N ALA A 3 -12.23 25.96 25.98
CA ALA A 3 -12.19 24.85 25.03
C ALA A 3 -12.01 23.50 25.74
N GLU A 5 -12.93 22.59 28.78
CA GLU A 5 -14.14 22.14 29.46
C GLU A 5 -15.24 21.78 28.45
N ALA A 6 -15.35 22.53 27.35
CA ALA A 6 -16.29 22.15 26.31
C ALA A 6 -15.92 20.78 25.74
N LEU A 7 -14.63 20.52 25.53
CA LEU A 7 -14.19 19.24 24.99
C LEU A 7 -14.50 18.11 25.96
N LYS A 8 -14.20 18.31 27.25
CA LYS A 8 -14.41 17.25 28.23
C LYS A 8 -15.89 16.90 28.35
N ARG A 9 -16.76 17.92 28.30
CA ARG A 9 -18.19 17.66 28.38
C ARG A 9 -18.66 16.88 27.15
N LYS A 10 -18.21 17.28 25.97
CA LYS A 10 -18.55 16.54 24.76
C LYS A 10 -18.07 15.09 24.85
N ILE A 11 -16.86 14.88 25.36
CA ILE A 11 -16.37 13.51 25.53
C ILE A 11 -17.27 12.74 26.48
N GLU A 12 -17.67 13.37 27.59
CA GLU A 12 -18.48 12.66 28.58
C GLU A 12 -19.87 12.34 28.05
N GLU A 13 -20.45 13.25 27.26
CA GLU A 13 -21.85 13.12 26.84
C GLU A 13 -22.01 12.35 25.55
N GLU A 14 -21.01 12.37 24.65
CA GLU A 14 -21.13 11.72 23.36
C GLU A 14 -20.06 10.67 23.09
N GLY A 15 -18.98 10.65 23.86
CA GLY A 15 -17.97 9.64 23.66
C GLY A 15 -18.41 8.27 24.16
N VAL A 16 -17.93 7.24 23.47
CA VAL A 16 -18.25 5.86 23.81
C VAL A 16 -16.94 5.10 24.04
N VAL A 17 -16.84 4.41 25.17
CA VAL A 17 -15.64 3.66 25.50
C VAL A 17 -15.80 2.25 24.93
N LEU A 18 -14.98 1.91 23.95
CA LEU A 18 -14.99 0.57 23.35
C LEU A 18 -13.91 -0.28 24.01
N SER A 19 -14.27 -1.53 24.33
CA SER A 19 -13.31 -2.49 24.88
C SER A 19 -12.54 -1.91 26.06
N ASP A 20 -13.15 -0.95 26.76
CA ASP A 20 -12.59 -0.34 27.97
C ASP A 20 -11.25 0.35 27.72
N GLN A 21 -10.95 0.73 26.48
CA GLN A 21 -9.66 1.38 26.25
C GLN A 21 -9.56 2.18 24.95
N VAL A 22 -10.53 2.02 24.05
CA VAL A 22 -10.62 2.85 22.86
C VAL A 22 -11.78 3.80 23.05
N LEU A 23 -11.51 5.10 22.88
CA LEU A 23 -12.53 6.14 23.05
C LEU A 23 -13.08 6.50 21.68
N LYS A 24 -14.34 6.19 21.42
CA LYS A 24 -14.96 6.53 20.15
C LYS A 24 -15.57 7.92 20.26
N VAL A 25 -15.12 8.83 19.41
CA VAL A 25 -15.65 10.19 19.35
C VAL A 25 -15.92 10.57 17.90
N ASP A 26 -16.58 9.66 17.16
CA ASP A 26 -16.89 9.89 15.76
C ASP A 26 -17.96 10.95 15.56
N SER A 27 -18.65 11.37 16.61
CA SER A 27 -19.72 12.35 16.46
C SER A 27 -19.19 13.77 16.38
N PHE A 28 -17.93 14.01 16.74
CA PHE A 28 -17.43 15.37 16.68
C PHE A 28 -15.95 15.52 16.33
N LEU A 29 -15.21 14.42 16.26
CA LEU A 29 -13.79 14.54 15.94
C LEU A 29 -13.30 13.68 14.78
N ASN A 30 -13.70 12.41 14.72
CA ASN A 30 -13.02 11.47 13.85
C ASN A 30 -13.83 11.01 12.64
N HIS A 31 -15.01 11.58 12.41
CA HIS A 31 -15.82 11.20 11.26
C HIS A 31 -16.81 12.33 10.97
N GLN A 32 -17.67 12.61 11.94
CA GLN A 32 -18.38 13.88 12.00
C GLN A 32 -17.51 14.86 12.77
N ILE A 33 -17.47 16.10 12.31
CA ILE A 33 -16.66 17.16 12.91
C ILE A 33 -17.58 18.26 13.38
N ASP A 34 -17.38 18.72 14.62
CA ASP A 34 -18.06 19.87 15.17
C ASP A 34 -17.20 21.10 14.88
N PRO A 35 -17.53 21.88 13.84
CA PRO A 35 -16.61 22.96 13.44
C PRO A 35 -16.43 24.02 14.51
N LEU A 36 -17.50 24.37 15.24
CA LEU A 36 -17.39 25.38 16.27
C LEU A 36 -16.46 24.91 17.39
N LEU A 37 -16.63 23.66 17.84
CA LEU A 37 -15.71 23.12 18.83
C LEU A 37 -14.28 23.12 18.31
N GLN A 39 -12.99 25.18 16.21
CA GLN A 39 -12.47 26.54 16.24
C GLN A 39 -12.02 26.91 17.66
N ARG A 40 -12.82 26.56 18.66
CA ARG A 40 -12.42 26.83 20.05
C ARG A 40 -11.13 26.08 20.39
N ILE A 41 -11.02 24.83 19.95
CA ILE A 41 -9.80 24.07 20.16
C ILE A 41 -8.61 24.77 19.51
N GLY A 42 -8.78 25.20 18.26
CA GLY A 42 -7.69 25.87 17.57
C GLY A 42 -7.29 27.17 18.25
N ASP A 43 -8.28 27.92 18.75
CA ASP A 43 -7.98 29.16 19.45
C ASP A 43 -7.21 28.91 20.73
N GLU A 44 -7.48 27.79 21.42
CA GLU A 44 -6.74 27.48 22.63
C GLU A 44 -5.30 27.10 22.31
N PHE A 45 -5.10 26.24 21.31
CA PHE A 45 -3.75 25.93 20.87
C PHE A 45 -3.00 27.22 20.51
N ALA A 46 -3.67 28.10 19.76
CA ALA A 46 -3.04 29.36 19.36
C ALA A 46 -2.66 30.18 20.59
N SER A 47 -3.52 30.20 21.60
CA SER A 47 -3.23 30.96 22.81
C SER A 47 -1.96 30.46 23.49
N ARG A 48 -1.81 29.13 23.58
CA ARG A 48 -0.66 28.58 24.28
C ARG A 48 0.65 28.80 23.53
N PHE A 49 0.60 29.03 22.22
CA PHE A 49 1.80 29.22 21.42
C PHE A 49 1.84 30.61 20.77
N ALA A 50 1.03 31.54 21.25
CA ALA A 50 0.91 32.85 20.63
C ALA A 50 2.20 33.67 20.72
N LYS A 51 3.18 33.23 21.50
CA LYS A 51 4.42 33.99 21.67
C LYS A 51 5.64 33.11 21.51
N ASP A 52 5.54 32.05 20.70
CA ASP A 52 6.68 31.20 20.38
C ASP A 52 7.20 31.43 18.97
N GLY A 53 6.64 32.41 18.25
CA GLY A 53 7.10 32.68 16.91
C GLY A 53 6.80 31.55 15.94
N ILE A 54 5.61 30.97 16.01
CA ILE A 54 5.26 29.87 15.12
C ILE A 54 5.17 30.41 13.69
N THR A 55 5.78 29.68 12.75
CA THR A 55 5.69 30.02 11.34
C THR A 55 4.83 29.04 10.55
N LYS A 56 4.54 27.86 11.09
CA LYS A 56 3.94 26.80 10.30
C LYS A 56 3.42 25.71 11.24
N ILE A 57 2.35 25.07 10.83
CA ILE A 57 1.79 23.92 11.55
C ILE A 57 1.97 22.69 10.68
N VAL A 58 2.31 21.58 11.31
CA VAL A 58 2.41 20.29 10.64
C VAL A 58 1.46 19.32 11.34
N THR A 59 0.69 18.59 10.55
CA THR A 59 -0.20 17.56 11.07
C THR A 59 -0.14 16.37 10.13
N ILE A 60 -1.11 15.46 10.27
CA ILE A 60 -1.20 14.27 9.43
C ILE A 60 -2.67 14.01 9.13
N GLU A 61 -2.98 13.65 7.89
CA GLU A 61 -4.35 13.29 7.55
C GLU A 61 -4.81 12.08 8.37
N SER A 62 -6.12 11.98 8.66
CA SER A 62 -7.13 12.95 8.25
C SER A 62 -7.73 13.71 9.43
N SER A 63 -7.80 13.05 10.59
CA SER A 63 -8.48 13.63 11.74
C SER A 63 -7.74 14.83 12.31
N GLY A 64 -6.44 14.95 12.08
CA GLY A 64 -5.70 16.10 12.58
C GLY A 64 -5.92 17.38 11.80
N ILE A 65 -6.44 17.27 10.58
CA ILE A 65 -6.53 18.43 9.70
C ILE A 65 -7.42 19.52 10.29
N ALA A 66 -8.62 19.15 10.72
CA ALA A 66 -9.56 20.17 11.20
C ALA A 66 -9.02 20.97 12.39
N PRO A 67 -8.57 20.35 13.48
CA PRO A 67 -7.98 21.16 14.56
C PRO A 67 -6.72 21.91 14.14
N ALA A 68 -5.94 21.34 13.22
CA ALA A 68 -4.71 22.02 12.77
C ALA A 68 -5.04 23.27 11.97
N VAL A 69 -6.05 23.20 11.10
CA VAL A 69 -6.37 24.35 10.27
C VAL A 69 -6.99 25.46 11.11
N THR A 71 -6.19 26.03 14.19
CA THR A 71 -5.04 26.61 14.87
C THR A 71 -4.27 27.53 13.93
N GLY A 72 -4.05 27.09 12.70
CA GLY A 72 -3.37 27.93 11.72
C GLY A 72 -4.12 29.19 11.38
N LEU A 73 -5.46 29.12 11.38
CA LEU A 73 -6.26 30.31 11.13
C LEU A 73 -6.00 31.36 12.18
N LYS A 74 -6.03 30.96 13.45
CA LYS A 74 -5.88 31.91 14.55
C LYS A 74 -4.45 32.42 14.66
N LEU A 75 -3.47 31.54 14.44
CA LEU A 75 -2.07 31.96 14.49
C LEU A 75 -1.62 32.66 13.21
N GLY A 76 -2.37 32.54 12.13
CA GLY A 76 -2.00 33.16 10.87
C GLY A 76 -0.84 32.50 10.17
N VAL A 77 -0.80 31.17 10.19
CA VAL A 77 0.30 30.43 9.58
C VAL A 77 -0.25 29.31 8.70
N PRO A 78 0.49 28.86 7.70
CA PRO A 78 0.02 27.73 6.88
C PRO A 78 0.07 26.42 7.62
N VAL A 79 -0.65 25.44 7.07
CA VAL A 79 -0.78 24.11 7.65
C VAL A 79 -0.37 23.09 6.60
N VAL A 80 0.54 22.20 6.96
CA VAL A 80 0.97 21.11 6.09
C VAL A 80 0.55 19.79 6.74
N PHE A 81 -0.19 18.97 6.00
CA PHE A 81 -0.60 17.67 6.52
C PHE A 81 0.16 16.56 5.79
N ALA A 82 0.79 15.68 6.57
CA ALA A 82 1.50 14.55 6.02
C ALA A 82 0.53 13.56 5.39
N ARG A 83 1.04 12.82 4.41
CA ARG A 83 0.27 11.85 3.66
C ARG A 83 0.64 10.43 4.08
N LYS A 84 -0.37 9.57 4.15
CA LYS A 84 -0.18 8.16 4.44
C LYS A 84 -0.21 7.29 3.18
N HIS A 85 -0.68 7.82 2.06
CA HIS A 85 -0.80 7.06 0.83
C HIS A 85 -0.32 7.93 -0.33
N LYS A 86 -0.19 7.29 -1.50
CA LYS A 86 0.22 8.01 -2.70
C LYS A 86 -0.80 9.10 -3.04
N SER A 87 -0.30 10.25 -3.46
CA SER A 87 -1.14 11.33 -3.94
C SER A 87 -0.68 11.74 -5.34
N LEU A 88 -1.65 12.22 -6.12
CA LEU A 88 -1.40 12.56 -7.53
C LEU A 88 -0.16 13.44 -7.68
N THR A 89 -0.07 14.51 -6.89
CA THR A 89 0.95 15.53 -7.07
C THR A 89 2.05 15.49 -6.01
N LEU A 90 2.03 14.52 -5.11
CA LEU A 90 3.04 14.40 -4.06
C LEU A 90 4.22 13.64 -4.60
N THR A 91 5.22 14.37 -5.10
CA THR A 91 6.37 13.75 -5.76
C THR A 91 7.71 14.42 -5.48
N ASP A 92 7.75 15.69 -5.10
CA ASP A 92 8.99 16.46 -5.08
C ASP A 92 9.58 16.51 -3.67
N ASN A 93 10.86 16.19 -3.57
CA ASN A 93 11.63 16.35 -2.33
C ASN A 93 10.89 15.78 -1.13
N LEU A 94 10.47 14.52 -1.24
CA LEU A 94 9.63 13.93 -0.21
C LEU A 94 10.47 13.53 1.01
N LEU A 95 10.13 14.09 2.16
CA LEU A 95 10.69 13.66 3.44
C LEU A 95 9.76 12.62 4.05
N THR A 96 10.31 11.48 4.44
CA THR A 96 9.51 10.37 4.91
C THR A 96 9.92 9.98 6.32
N ALA A 97 9.01 9.27 6.99
CA ALA A 97 9.24 8.75 8.33
C ALA A 97 8.50 7.44 8.47
N SER A 98 9.10 6.48 9.18
CA SER A 98 8.45 5.22 9.47
C SER A 98 7.65 5.35 10.76
N VAL A 99 6.45 4.78 10.76
CA VAL A 99 5.56 4.82 11.90
C VAL A 99 5.20 3.38 12.26
N TYR A 100 5.66 2.93 13.42
CA TYR A 100 5.33 1.61 13.93
C TYR A 100 4.03 1.66 14.72
N SER A 101 3.26 0.59 14.62
CA SER A 101 2.00 0.45 15.35
C SER A 101 2.16 -0.63 16.41
N PHE A 102 2.26 -0.21 17.68
CA PHE A 102 2.31 -1.18 18.77
C PHE A 102 1.03 -2.02 18.80
N THR A 103 -0.10 -1.43 18.44
CA THR A 103 -1.38 -2.13 18.51
C THR A 103 -1.46 -3.23 17.47
N LYS A 104 -0.98 -2.97 16.26
CA LYS A 104 -1.02 -3.95 15.18
C LYS A 104 0.33 -4.58 14.88
N GLN A 105 1.40 -4.10 15.50
CA GLN A 105 2.76 -4.58 15.24
C GLN A 105 3.05 -4.58 13.74
N THR A 106 2.78 -3.43 13.11
CA THR A 106 3.07 -3.19 11.71
C THR A 106 3.82 -1.87 11.59
N GLU A 107 4.38 -1.63 10.41
CA GLU A 107 5.06 -0.37 10.13
C GLU A 107 4.51 0.23 8.84
N SER A 108 4.38 1.55 8.82
CA SER A 108 3.90 2.29 7.67
C SER A 108 4.76 3.52 7.48
N GLN A 109 4.63 4.15 6.31
CA GLN A 109 5.43 5.31 5.94
C GLN A 109 4.53 6.52 5.75
N ILE A 110 4.94 7.65 6.31
CA ILE A 110 4.28 8.93 6.10
C ILE A 110 5.26 9.84 5.37
N ALA A 111 4.71 10.84 4.67
CA ALA A 111 5.54 11.68 3.82
C ALA A 111 5.04 13.12 3.80
N VAL A 112 6.01 14.03 3.68
CA VAL A 112 5.77 15.46 3.51
C VAL A 112 6.74 15.97 2.45
N SER A 113 6.26 16.86 1.58
CA SER A 113 7.11 17.44 0.55
C SER A 113 8.01 18.50 1.16
N GLY A 114 9.33 18.34 0.99
CA GLY A 114 10.27 19.30 1.53
C GLY A 114 10.11 20.70 0.99
N THR A 115 9.42 20.85 -0.13
CA THR A 115 9.17 22.17 -0.69
C THR A 115 8.39 23.05 0.28
N HIS A 116 7.63 22.47 1.19
CA HIS A 116 6.77 23.22 2.10
C HIS A 116 7.31 23.29 3.52
N LEU A 117 8.56 22.87 3.73
CA LEU A 117 9.23 23.02 5.02
C LEU A 117 10.60 23.64 4.78
N SER A 118 10.85 24.77 5.43
CA SER A 118 12.11 25.50 5.29
C SER A 118 12.95 25.34 6.54
N ASP A 119 14.28 25.45 6.36
CA ASP A 119 15.18 25.52 7.50
C ASP A 119 14.88 26.70 8.41
N GLN A 120 14.10 27.67 7.94
CA GLN A 120 13.72 28.84 8.71
C GLN A 120 12.39 28.67 9.42
N ASP A 121 11.74 27.52 9.30
CA ASP A 121 10.44 27.31 9.91
C ASP A 121 10.60 26.94 11.38
N HIS A 122 9.68 27.44 12.21
CA HIS A 122 9.53 27.06 13.61
C HIS A 122 8.14 26.45 13.73
N VAL A 123 8.08 25.13 13.87
CA VAL A 123 6.88 24.35 13.58
C VAL A 123 6.15 23.98 14.86
N LEU A 124 4.83 24.13 14.83
CA LEU A 124 3.93 23.57 15.84
C LEU A 124 3.24 22.35 15.23
N ILE A 125 3.41 21.20 15.86
CA ILE A 125 2.74 19.98 15.43
C ILE A 125 1.39 19.88 16.13
N ILE A 126 0.34 19.58 15.37
CA ILE A 126 -1.00 19.40 15.91
C ILE A 126 -1.51 18.02 15.49
N ASP A 127 -2.14 17.32 16.42
CA ASP A 127 -2.71 16.01 16.15
C ASP A 127 -3.93 15.80 17.03
N ASP A 128 -4.77 14.85 16.63
CA ASP A 128 -6.03 14.66 17.34
C ASP A 128 -5.83 13.81 18.59
N PHE A 129 -5.11 12.69 18.47
CA PHE A 129 -4.90 11.78 19.58
C PHE A 129 -3.41 11.60 19.85
N LEU A 130 -3.06 11.51 21.12
CA LEU A 130 -1.73 11.07 21.55
C LEU A 130 -1.92 9.82 22.40
N ALA A 131 -1.44 8.69 21.89
CA ALA A 131 -1.49 7.42 22.60
C ALA A 131 -0.07 6.89 22.75
N ASN A 132 0.37 6.06 21.81
CA ASN A 132 1.74 5.54 21.84
C ASN A 132 2.74 6.47 21.17
N GLY A 133 2.27 7.48 20.44
CA GLY A 133 3.12 8.58 20.03
C GLY A 133 3.96 8.38 18.80
N GLN A 134 3.75 7.31 18.03
CA GLN A 134 4.69 7.01 16.95
C GLN A 134 4.51 7.97 15.78
N ALA A 135 3.27 8.36 15.48
CA ALA A 135 3.05 9.36 14.43
C ALA A 135 3.69 10.68 14.81
N ALA A 136 3.55 11.09 16.08
CA ALA A 136 4.16 12.33 16.53
C ALA A 136 5.68 12.28 16.37
N HIS A 137 6.30 11.16 16.75
CA HIS A 137 7.73 11.01 16.52
C HIS A 137 8.06 11.12 15.03
N GLY A 138 7.20 10.58 14.17
CA GLY A 138 7.44 10.65 12.74
C GLY A 138 7.37 12.07 12.21
N LEU A 139 6.42 12.85 12.70
CA LEU A 139 6.33 14.25 12.26
C LEU A 139 7.51 15.05 12.78
N VAL A 140 7.95 14.80 14.02
CA VAL A 140 9.16 15.42 14.54
C VAL A 140 10.33 15.12 13.63
N SER A 141 10.51 13.86 13.24
CA SER A 141 11.61 13.48 12.38
C SER A 141 11.56 14.24 11.06
N ILE A 142 10.36 14.36 10.48
CA ILE A 142 10.23 15.04 9.19
C ILE A 142 10.61 16.51 9.33
N VAL A 143 10.19 17.14 10.43
CA VAL A 143 10.55 18.54 10.65
C VAL A 143 12.06 18.67 10.80
N LYS A 144 12.68 17.73 11.52
CA LYS A 144 14.12 17.80 11.72
C LYS A 144 14.87 17.53 10.42
N GLN A 145 14.33 16.67 9.57
CA GLN A 145 14.97 16.42 8.27
C GLN A 145 15.00 17.68 7.42
N ALA A 146 13.99 18.54 7.56
CA ALA A 146 13.94 19.79 6.82
C ALA A 146 14.83 20.88 7.43
N GLY A 147 15.45 20.61 8.57
CA GLY A 147 16.26 21.59 9.26
C GLY A 147 15.50 22.58 10.09
N ALA A 148 14.19 22.42 10.21
CA ALA A 148 13.34 23.31 10.99
C ALA A 148 13.35 22.89 12.45
N SER A 149 12.84 23.78 13.30
CA SER A 149 12.76 23.58 14.73
C SER A 149 11.32 23.32 15.14
N ILE A 150 11.17 22.64 16.28
CA ILE A 150 9.86 22.25 16.79
C ILE A 150 9.56 23.11 18.01
N ALA A 151 8.50 23.91 17.92
CA ALA A 151 8.08 24.72 19.05
C ALA A 151 7.32 23.91 20.09
N GLY A 152 6.63 22.86 19.67
CA GLY A 152 5.84 22.08 20.58
C GLY A 152 4.85 21.22 19.83
N ILE A 153 4.04 20.50 20.60
CA ILE A 153 3.07 19.54 20.07
C ILE A 153 1.74 19.79 20.78
N GLY A 154 0.71 20.09 19.99
CA GLY A 154 -0.64 20.26 20.52
C GLY A 154 -1.48 19.04 20.21
N ILE A 155 -2.09 18.48 21.25
CA ILE A 155 -2.90 17.27 21.15
C ILE A 155 -4.31 17.58 21.64
N VAL A 156 -5.31 17.11 20.90
CA VAL A 156 -6.69 17.30 21.35
C VAL A 156 -6.99 16.37 22.52
N ILE A 157 -6.80 15.06 22.31
CA ILE A 157 -7.08 14.07 23.35
C ILE A 157 -5.83 13.23 23.59
N GLU A 158 -5.33 13.24 24.81
CA GLU A 158 -4.17 12.44 25.21
C GLU A 158 -4.63 11.31 26.11
N LYS A 159 -4.22 10.09 25.79
CA LYS A 159 -4.42 8.93 26.66
C LYS A 159 -3.19 8.83 27.54
N SER A 160 -3.27 9.42 28.73
CA SER A 160 -2.10 9.63 29.56
C SER A 160 -1.54 8.36 30.17
N PHE A 161 -2.31 7.26 30.15
CA PHE A 161 -1.80 5.98 30.65
C PHE A 161 -0.95 5.26 29.61
N GLN A 162 -0.85 5.79 28.38
CA GLN A 162 0.01 5.25 27.35
C GLN A 162 1.27 6.11 27.22
N PRO A 163 2.36 5.54 26.73
CA PRO A 163 3.68 6.18 26.90
C PRO A 163 4.02 7.27 25.89
N GLY A 164 3.12 7.61 24.98
CA GLY A 164 3.45 8.60 23.95
C GLY A 164 3.91 9.93 24.54
N ARG A 165 3.15 10.45 25.50
CA ARG A 165 3.48 11.76 26.04
C ARG A 165 4.86 11.78 26.70
N ASP A 166 5.13 10.80 27.56
CA ASP A 166 6.40 10.80 28.28
C ASP A 166 7.57 10.69 27.31
N GLU A 167 7.41 9.91 26.24
CA GLU A 167 8.47 9.80 25.24
C GLU A 167 8.83 11.17 24.67
N LEU A 168 7.80 11.94 24.26
CA LEU A 168 8.05 13.24 23.68
C LEU A 168 8.61 14.22 24.70
N VAL A 169 8.03 14.24 25.91
CA VAL A 169 8.50 15.17 26.94
C VAL A 169 9.94 14.85 27.32
N LYS A 170 10.26 13.56 27.47
CA LYS A 170 11.63 13.19 27.81
C LYS A 170 12.62 13.81 26.83
N LEU A 171 12.27 13.87 25.55
CA LEU A 171 13.15 14.44 24.54
C LEU A 171 13.11 15.96 24.50
N GLY A 172 12.41 16.60 25.44
CA GLY A 172 12.44 18.04 25.57
C GLY A 172 11.33 18.79 24.87
N TYR A 173 10.35 18.11 24.30
CA TYR A 173 9.30 18.78 23.55
C TYR A 173 8.16 19.19 24.46
N ARG A 174 7.66 20.41 24.25
CA ARG A 174 6.48 20.88 24.92
C ARG A 174 5.24 20.20 24.34
N VAL A 175 4.50 19.51 25.20
CA VAL A 175 3.28 18.82 24.79
C VAL A 175 2.10 19.48 25.49
N GLU A 176 1.16 20.00 24.70
CA GLU A 176 -0.01 20.70 25.20
C GLU A 176 -1.25 19.89 24.81
N SER A 177 -1.82 19.17 25.77
CA SER A 177 -2.95 18.29 25.54
C SER A 177 -4.19 18.89 26.20
N LEU A 178 -5.25 19.06 25.41
CA LEU A 178 -6.43 19.76 25.92
C LEU A 178 -7.27 18.85 26.81
N ALA A 179 -7.40 17.58 26.46
CA ALA A 179 -8.07 16.60 27.29
C ALA A 179 -7.10 15.47 27.58
N ARG A 180 -6.75 15.29 28.86
CA ARG A 180 -5.82 14.26 29.29
C ARG A 180 -6.62 13.17 29.99
N ILE A 181 -6.68 11.99 29.38
CA ILE A 181 -7.47 10.89 29.90
C ILE A 181 -6.58 10.00 30.76
N GLN A 182 -6.92 9.91 32.05
CA GLN A 182 -6.15 9.11 32.99
C GLN A 182 -6.55 7.65 32.95
N SER A 183 -7.80 7.36 32.59
CA SER A 183 -8.28 5.98 32.57
C SER A 183 -9.56 5.89 31.75
N LEU A 184 -9.73 4.73 31.11
CA LEU A 184 -10.97 4.38 30.41
C LEU A 184 -11.62 3.13 30.99
N GLU A 185 -11.04 2.55 32.05
CA GLU A 185 -11.57 1.32 32.62
C GLU A 185 -12.92 1.56 33.27
N GLU A 186 -13.67 0.48 33.43
CA GLU A 186 -15.06 0.55 33.88
C GLU A 186 -15.95 1.25 32.87
N GLY A 187 -15.52 1.32 31.62
CA GLY A 187 -16.30 1.97 30.58
C GLY A 187 -16.67 3.40 30.86
N LYS A 188 -15.89 4.09 31.71
CA LYS A 188 -16.10 5.49 32.02
C LYS A 188 -14.79 6.23 31.73
N VAL A 189 -14.90 7.49 31.36
CA VAL A 189 -13.74 8.32 31.05
C VAL A 189 -13.40 9.12 32.29
N SER A 190 -12.18 8.94 32.80
CA SER A 190 -11.66 9.70 33.92
C SER A 190 -10.55 10.61 33.43
N PHE A 191 -10.67 11.91 33.69
CA PHE A 191 -9.68 12.88 33.24
C PHE A 191 -8.67 13.16 34.34
N VAL A 192 -7.45 13.50 33.92
CA VAL A 192 -6.44 13.96 34.86
C VAL A 192 -6.90 15.28 35.47
N GLN A 193 -6.88 15.36 36.79
CA GLN A 193 -7.36 16.55 37.49
C GLN A 193 -6.24 17.59 37.63
N ASN B 2 -12.93 39.31 -3.05
CA ASN B 2 -13.81 38.17 -2.69
C ASN B 2 -13.06 36.85 -2.85
N ALA B 3 -13.71 35.75 -2.48
CA ALA B 3 -13.03 34.46 -2.45
C ALA B 3 -12.65 33.97 -3.84
N GLU B 5 -11.92 35.86 -6.48
CA GLU B 5 -10.76 36.66 -6.89
C GLU B 5 -9.50 36.17 -6.18
N ALA B 6 -9.58 35.97 -4.87
CA ALA B 6 -8.43 35.49 -4.12
C ALA B 6 -7.98 34.12 -4.63
N LEU B 7 -8.94 33.25 -4.94
CA LEU B 7 -8.59 31.92 -5.42
C LEU B 7 -7.94 31.97 -6.80
N LYS B 8 -8.48 32.78 -7.71
CA LYS B 8 -7.89 32.88 -9.04
C LYS B 8 -6.47 33.42 -8.96
N ARG B 9 -6.24 34.42 -8.11
CA ARG B 9 -4.89 34.95 -7.92
C ARG B 9 -3.94 33.86 -7.42
N LYS B 10 -4.37 33.10 -6.41
CA LYS B 10 -3.53 32.03 -5.90
C LYS B 10 -3.24 30.99 -6.97
N ILE B 11 -4.25 30.60 -7.74
CA ILE B 11 -4.03 29.64 -8.82
C ILE B 11 -3.04 30.22 -9.83
N GLU B 12 -3.19 31.49 -10.17
CA GLU B 12 -2.29 32.11 -11.15
C GLU B 12 -0.87 32.21 -10.61
N GLU B 13 -0.72 32.55 -9.32
CA GLU B 13 0.61 32.83 -8.78
C GLU B 13 1.34 31.57 -8.32
N GLU B 14 0.60 30.54 -7.87
CA GLU B 14 1.22 29.36 -7.28
C GLU B 14 0.84 28.05 -7.94
N GLY B 15 -0.23 27.99 -8.72
CA GLY B 15 -0.58 26.76 -9.39
C GLY B 15 0.45 26.40 -10.44
N VAL B 16 0.69 25.09 -10.58
CA VAL B 16 1.64 24.55 -11.54
C VAL B 16 0.89 23.61 -12.47
N VAL B 17 0.87 23.92 -13.76
CA VAL B 17 0.22 23.06 -14.73
C VAL B 17 1.17 21.90 -15.05
N LEU B 18 0.74 20.68 -14.75
CA LEU B 18 1.54 19.50 -15.02
C LEU B 18 1.16 18.80 -16.32
N SER B 19 -0.08 18.96 -16.76
CA SER B 19 -0.56 18.24 -17.93
C SER B 19 -1.78 18.99 -18.48
N ASP B 20 -2.35 18.44 -19.55
CA ASP B 20 -3.64 18.94 -20.03
C ASP B 20 -4.75 18.67 -19.04
N GLN B 21 -4.53 17.79 -18.06
CA GLN B 21 -5.58 17.38 -17.14
C GLN B 21 -5.23 17.57 -15.67
N VAL B 22 -4.05 18.09 -15.35
CA VAL B 22 -3.58 18.09 -13.96
C VAL B 22 -3.07 19.49 -13.60
N LEU B 23 -3.61 20.05 -12.52
CA LEU B 23 -3.18 21.33 -11.98
C LEU B 23 -2.68 21.10 -10.55
N LYS B 24 -1.40 21.37 -10.32
CA LYS B 24 -0.82 21.18 -9.00
C LYS B 24 -1.05 22.43 -8.15
N VAL B 25 -1.74 22.25 -7.02
CA VAL B 25 -1.98 23.35 -6.09
C VAL B 25 -1.62 22.89 -4.68
N ASP B 26 -0.53 22.13 -4.56
CA ASP B 26 -0.11 21.62 -3.26
C ASP B 26 0.32 22.72 -2.30
N SER B 27 0.54 23.95 -2.78
CA SER B 27 1.01 25.02 -1.93
C SER B 27 -0.10 25.69 -1.13
N PHE B 28 -1.38 25.44 -1.48
CA PHE B 28 -2.44 26.03 -0.69
C PHE B 28 -3.70 25.20 -0.53
N LEU B 29 -3.78 24.03 -1.19
CA LEU B 29 -5.01 23.27 -1.08
C LEU B 29 -4.82 21.78 -0.78
N ASN B 30 -3.86 21.12 -1.42
CA ASN B 30 -3.80 19.66 -1.38
C ASN B 30 -2.66 19.10 -0.55
N HIS B 31 -1.85 19.93 0.11
CA HIS B 31 -0.79 19.41 0.96
C HIS B 31 -0.45 20.45 2.02
N GLN B 32 -0.01 21.61 1.58
CA GLN B 32 -0.02 22.81 2.41
C GLN B 32 -1.38 23.48 2.25
N ILE B 33 -1.94 23.94 3.36
CA ILE B 33 -3.26 24.56 3.38
C ILE B 33 -3.10 26.00 3.84
N ASP B 34 -3.74 26.93 3.12
CA ASP B 34 -3.81 28.33 3.52
C ASP B 34 -5.11 28.54 4.30
N PRO B 35 -5.07 28.55 5.64
CA PRO B 35 -6.34 28.59 6.40
C PRO B 35 -7.16 29.82 6.12
N LEU B 36 -6.54 30.99 5.97
CA LEU B 36 -7.31 32.21 5.71
C LEU B 36 -8.07 32.08 4.39
N LEU B 37 -7.40 31.60 3.34
CA LEU B 37 -8.10 31.36 2.08
C LEU B 37 -9.24 30.36 2.26
N GLN B 39 -10.97 29.94 4.90
CA GLN B 39 -12.04 30.69 5.54
C GLN B 39 -12.84 31.46 4.49
N ARG B 40 -12.14 32.22 3.64
CA ARG B 40 -12.81 32.96 2.58
C ARG B 40 -13.67 32.03 1.75
N ILE B 41 -13.13 30.86 1.40
CA ILE B 41 -13.88 29.88 0.61
C ILE B 41 -15.11 29.42 1.35
N GLY B 42 -14.96 29.08 2.64
CA GLY B 42 -16.10 28.62 3.41
C GLY B 42 -17.18 29.67 3.53
N ASP B 43 -16.79 30.92 3.81
CA ASP B 43 -17.76 32.00 3.92
C ASP B 43 -18.50 32.21 2.60
N GLU B 44 -17.82 32.03 1.47
CA GLU B 44 -18.48 32.19 0.17
C GLU B 44 -19.49 31.06 -0.05
N PHE B 45 -19.09 29.82 0.23
CA PHE B 45 -20.04 28.71 0.15
C PHE B 45 -21.23 28.96 1.05
N ALA B 46 -20.97 29.38 2.29
CA ALA B 46 -22.07 29.65 3.23
C ALA B 46 -22.99 30.73 2.68
N SER B 47 -22.42 31.77 2.08
CA SER B 47 -23.23 32.85 1.53
C SER B 47 -24.17 32.32 0.45
N ARG B 48 -23.67 31.46 -0.44
CA ARG B 48 -24.50 30.97 -1.53
C ARG B 48 -25.59 30.02 -1.06
N PHE B 49 -25.43 29.39 0.10
CA PHE B 49 -26.42 28.45 0.61
C PHE B 49 -27.00 28.91 1.95
N ALA B 50 -26.93 30.20 2.25
CA ALA B 50 -27.34 30.69 3.56
C ALA B 50 -28.84 30.56 3.77
N LYS B 51 -29.64 30.63 2.70
CA LYS B 51 -31.08 30.63 2.80
C LYS B 51 -31.71 29.29 2.45
N ASP B 52 -30.91 28.24 2.30
CA ASP B 52 -31.39 26.97 1.76
C ASP B 52 -31.59 25.90 2.82
N GLY B 53 -31.54 26.26 4.10
CA GLY B 53 -31.84 25.31 5.15
C GLY B 53 -30.86 24.15 5.27
N ILE B 54 -29.57 24.42 5.07
CA ILE B 54 -28.56 23.38 5.21
C ILE B 54 -28.54 22.89 6.64
N THR B 55 -28.55 21.56 6.82
CA THR B 55 -28.40 20.96 8.13
C THR B 55 -27.05 20.29 8.34
N LYS B 56 -26.30 20.03 7.27
CA LYS B 56 -25.08 19.24 7.42
C LYS B 56 -24.25 19.34 6.14
N ILE B 57 -22.93 19.27 6.32
CA ILE B 57 -21.99 19.23 5.22
C ILE B 57 -21.45 17.81 5.10
N VAL B 58 -21.32 17.32 3.87
CA VAL B 58 -20.69 16.04 3.60
C VAL B 58 -19.54 16.27 2.63
N THR B 59 -18.39 15.70 2.94
CA THR B 59 -17.20 15.79 2.09
C THR B 59 -16.51 14.44 2.14
N ILE B 60 -15.27 14.40 1.67
CA ILE B 60 -14.47 13.18 1.66
C ILE B 60 -13.03 13.55 1.98
N GLU B 61 -12.38 12.73 2.81
CA GLU B 61 -10.97 12.94 3.13
C GLU B 61 -10.13 12.88 1.85
N SER B 62 -9.02 13.62 1.81
CA SER B 62 -8.54 14.49 2.87
C SER B 62 -8.64 15.97 2.51
N SER B 63 -8.46 16.26 1.22
CA SER B 63 -8.37 17.65 0.78
C SER B 63 -9.70 18.39 0.96
N GLY B 64 -10.82 17.68 0.95
CA GLY B 64 -12.11 18.33 1.11
C GLY B 64 -12.40 18.81 2.52
N ILE B 65 -11.67 18.30 3.52
CA ILE B 65 -12.02 18.58 4.91
C ILE B 65 -11.90 20.07 5.22
N ALA B 66 -10.77 20.68 4.86
CA ALA B 66 -10.54 22.06 5.27
C ALA B 66 -11.60 23.03 4.72
N PRO B 67 -11.87 23.07 3.42
CA PRO B 67 -12.97 23.95 2.95
C PRO B 67 -14.32 23.54 3.52
N ALA B 68 -14.56 22.25 3.71
CA ALA B 68 -15.84 21.81 4.26
C ALA B 68 -16.04 22.29 5.69
N VAL B 69 -14.98 22.23 6.51
CA VAL B 69 -15.13 22.62 7.90
C VAL B 69 -15.30 24.12 8.04
N THR B 71 -16.80 25.95 5.85
CA THR B 71 -18.18 26.17 5.41
C THR B 71 -19.16 25.83 6.53
N GLY B 72 -18.96 24.69 7.20
CA GLY B 72 -19.81 24.32 8.31
C GLY B 72 -19.70 25.29 9.48
N LEU B 73 -18.49 25.81 9.72
CA LEU B 73 -18.31 26.79 10.78
C LEU B 73 -19.18 28.02 10.54
N LYS B 74 -19.22 28.51 9.30
CA LYS B 74 -19.99 29.72 9.01
C LYS B 74 -21.48 29.46 9.04
N LEU B 75 -21.92 28.32 8.49
CA LEU B 75 -23.33 27.97 8.51
C LEU B 75 -23.79 27.45 9.86
N GLY B 76 -22.86 27.09 10.75
CA GLY B 76 -23.24 26.53 12.04
C GLY B 76 -23.81 25.13 11.96
N VAL B 77 -23.18 24.25 11.19
CA VAL B 77 -23.67 22.89 11.05
C VAL B 77 -22.49 21.92 11.08
N PRO B 78 -22.75 20.66 11.40
CA PRO B 78 -21.67 19.67 11.46
C PRO B 78 -21.20 19.27 10.08
N VAL B 79 -20.01 18.68 10.05
CA VAL B 79 -19.36 18.24 8.82
C VAL B 79 -19.00 16.77 8.96
N VAL B 80 -19.39 15.97 7.97
CA VAL B 80 -19.08 14.55 7.93
C VAL B 80 -18.17 14.30 6.74
N PHE B 81 -17.01 13.69 6.97
CA PHE B 81 -16.13 13.31 5.87
C PHE B 81 -16.16 11.81 5.69
N ALA B 82 -16.47 11.38 4.48
CA ALA B 82 -16.38 9.98 4.10
C ALA B 82 -14.92 9.53 4.16
N ARG B 83 -14.72 8.23 4.37
CA ARG B 83 -13.39 7.66 4.44
C ARG B 83 -13.16 6.73 3.26
N LYS B 84 -11.90 6.71 2.80
CA LYS B 84 -11.48 5.87 1.68
C LYS B 84 -10.82 4.58 2.11
N HIS B 85 -10.43 4.45 3.37
CA HIS B 85 -9.75 3.27 3.87
C HIS B 85 -10.36 2.85 5.19
N LYS B 86 -10.19 1.57 5.52
CA LYS B 86 -10.56 1.08 6.84
C LYS B 86 -9.91 1.96 7.90
N SER B 87 -10.69 2.29 8.93
CA SER B 87 -10.19 3.08 10.05
C SER B 87 -10.64 2.45 11.36
N LEU B 88 -10.13 3.00 12.46
CA LEU B 88 -10.26 2.31 13.74
C LEU B 88 -11.71 2.22 14.19
N THR B 89 -12.48 3.30 14.04
CA THR B 89 -13.80 3.39 14.64
C THR B 89 -14.96 3.47 13.67
N LEU B 90 -14.72 3.46 12.36
CA LEU B 90 -15.81 3.45 11.39
C LEU B 90 -16.18 1.98 11.14
N THR B 91 -17.10 1.48 11.96
CA THR B 91 -17.31 0.04 12.04
C THR B 91 -18.75 -0.42 11.83
N ASP B 92 -19.75 0.46 11.93
CA ASP B 92 -21.13 0.03 11.81
C ASP B 92 -21.97 1.07 11.09
N ASN B 93 -23.16 0.64 10.69
CA ASN B 93 -24.11 1.49 9.97
C ASN B 93 -23.48 2.10 8.72
N LEU B 94 -22.62 1.32 8.07
CA LEU B 94 -21.84 1.83 6.95
C LEU B 94 -22.70 2.01 5.71
N LEU B 95 -22.64 3.21 5.14
CA LEU B 95 -23.21 3.51 3.83
C LEU B 95 -22.03 3.65 2.88
N THR B 96 -22.01 2.85 1.82
CA THR B 96 -20.85 2.77 0.94
C THR B 96 -21.23 3.04 -0.50
N ALA B 97 -20.23 3.47 -1.27
CA ALA B 97 -20.38 3.71 -2.70
C ALA B 97 -19.09 3.32 -3.40
N SER B 98 -19.22 2.83 -4.63
CA SER B 98 -18.07 2.49 -5.46
C SER B 98 -17.66 3.73 -6.26
N VAL B 99 -16.35 3.90 -6.41
CA VAL B 99 -15.80 5.04 -7.15
C VAL B 99 -14.74 4.51 -8.11
N TYR B 100 -14.92 4.78 -9.39
CA TYR B 100 -13.98 4.38 -10.44
C TYR B 100 -13.04 5.54 -10.76
N SER B 101 -11.78 5.21 -11.00
CA SER B 101 -10.77 6.19 -11.36
C SER B 101 -10.28 5.90 -12.76
N PHE B 102 -10.39 6.86 -13.67
CA PHE B 102 -9.82 6.66 -15.00
C PHE B 102 -8.31 6.62 -14.93
N THR B 103 -7.75 7.57 -14.13
CA THR B 103 -6.31 7.59 -13.90
C THR B 103 -5.74 6.23 -13.47
N LYS B 104 -6.43 5.51 -12.61
CA LYS B 104 -6.02 4.25 -12.03
C LYS B 104 -6.55 3.07 -12.80
N GLN B 105 -7.68 3.23 -13.49
CA GLN B 105 -8.35 2.12 -14.15
C GLN B 105 -8.72 1.02 -13.15
N THR B 106 -8.98 1.41 -11.90
CA THR B 106 -9.39 0.51 -10.85
C THR B 106 -10.43 1.22 -9.99
N GLU B 107 -11.19 0.44 -9.23
CA GLU B 107 -12.29 0.98 -8.44
C GLU B 107 -11.94 1.06 -6.96
N SER B 108 -12.73 1.85 -6.23
CA SER B 108 -12.46 2.12 -4.83
C SER B 108 -13.79 2.29 -4.09
N GLN B 109 -13.75 2.10 -2.77
CA GLN B 109 -14.93 2.19 -1.93
C GLN B 109 -14.78 3.36 -0.96
N ILE B 110 -15.84 4.14 -0.82
CA ILE B 110 -15.91 5.21 0.17
C ILE B 110 -17.10 4.94 1.08
N ALA B 111 -16.99 5.40 2.33
CA ALA B 111 -17.98 5.00 3.32
C ALA B 111 -18.27 6.12 4.30
N VAL B 112 -19.53 6.18 4.73
CA VAL B 112 -20.00 7.06 5.78
C VAL B 112 -20.88 6.24 6.72
N SER B 113 -20.80 6.52 8.01
CA SER B 113 -21.67 5.86 8.98
C SER B 113 -23.03 6.55 8.99
N GLY B 114 -24.09 5.77 8.75
CA GLY B 114 -25.44 6.31 8.78
C GLY B 114 -25.83 6.89 10.11
N THR B 115 -25.07 6.63 11.17
CA THR B 115 -25.35 7.24 12.46
C THR B 115 -25.29 8.76 12.40
N HIS B 116 -24.56 9.32 11.44
CA HIS B 116 -24.38 10.76 11.33
C HIS B 116 -25.15 11.36 10.17
N LEU B 117 -26.06 10.60 9.55
CA LEU B 117 -26.91 11.09 8.48
C LEU B 117 -28.32 10.57 8.71
N SER B 118 -29.30 11.46 8.68
CA SER B 118 -30.70 11.10 8.85
C SER B 118 -31.50 11.56 7.64
N ASP B 119 -32.72 11.02 7.52
CA ASP B 119 -33.65 11.49 6.50
C ASP B 119 -34.14 12.90 6.79
N GLN B 120 -33.80 13.44 7.96
CA GLN B 120 -34.10 14.84 8.29
C GLN B 120 -33.07 15.81 7.75
N ASP B 121 -31.99 15.31 7.14
CA ASP B 121 -30.87 16.16 6.76
C ASP B 121 -31.06 16.73 5.37
N HIS B 122 -30.66 17.99 5.21
CA HIS B 122 -30.59 18.69 3.93
C HIS B 122 -29.11 19.03 3.74
N VAL B 123 -28.44 18.31 2.83
CA VAL B 123 -26.98 18.23 2.83
C VAL B 123 -26.38 19.13 1.75
N LEU B 124 -25.31 19.81 2.11
CA LEU B 124 -24.44 20.50 1.15
C LEU B 124 -23.16 19.69 1.04
N ILE B 125 -22.87 19.21 -0.17
CA ILE B 125 -21.64 18.46 -0.43
C ILE B 125 -20.55 19.47 -0.79
N ILE B 126 -19.38 19.33 -0.18
CA ILE B 126 -18.23 20.20 -0.45
C ILE B 126 -17.06 19.32 -0.84
N ASP B 127 -16.34 19.71 -1.89
CA ASP B 127 -15.14 18.99 -2.31
C ASP B 127 -14.15 19.98 -2.92
N ASP B 128 -12.90 19.54 -3.04
CA ASP B 128 -11.85 20.44 -3.50
C ASP B 128 -11.82 20.54 -5.02
N PHE B 129 -11.85 19.41 -5.71
CA PHE B 129 -11.80 19.38 -7.17
C PHE B 129 -13.06 18.72 -7.73
N LEU B 130 -13.47 19.18 -8.90
CA LEU B 130 -14.48 18.50 -9.71
C LEU B 130 -13.88 18.26 -11.08
N ALA B 131 -13.66 17.00 -11.43
CA ALA B 131 -13.09 16.63 -12.72
C ALA B 131 -14.05 15.69 -13.38
N ASN B 132 -13.81 14.38 -13.34
CA ASN B 132 -14.74 13.42 -13.94
C ASN B 132 -15.95 13.14 -13.04
N GLY B 133 -15.89 13.52 -11.76
CA GLY B 133 -17.06 13.58 -10.91
C GLY B 133 -17.46 12.31 -10.22
N GLN B 134 -16.63 11.27 -10.24
CA GLN B 134 -17.07 9.98 -9.72
C GLN B 134 -17.20 10.02 -8.19
N ALA B 135 -16.28 10.70 -7.50
CA ALA B 135 -16.41 10.81 -6.05
C ALA B 135 -17.65 11.60 -5.68
N ALA B 136 -17.97 12.65 -6.45
CA ALA B 136 -19.17 13.42 -6.17
C ALA B 136 -20.42 12.55 -6.29
N HIS B 137 -20.52 11.79 -7.37
CA HIS B 137 -21.65 10.87 -7.51
C HIS B 137 -21.70 9.86 -6.37
N GLY B 138 -20.55 9.45 -5.85
CA GLY B 138 -20.54 8.54 -4.71
C GLY B 138 -21.14 9.18 -3.47
N LEU B 139 -20.73 10.41 -3.18
CA LEU B 139 -21.29 11.12 -2.03
C LEU B 139 -22.79 11.36 -2.21
N VAL B 140 -23.22 11.69 -3.43
CA VAL B 140 -24.64 11.82 -3.70
C VAL B 140 -25.35 10.51 -3.38
N SER B 141 -24.78 9.39 -3.82
CA SER B 141 -25.38 8.08 -3.55
C SER B 141 -25.49 7.84 -2.04
N ILE B 142 -24.42 8.15 -1.31
CA ILE B 142 -24.42 7.91 0.13
C ILE B 142 -25.52 8.74 0.81
N VAL B 143 -25.63 10.01 0.42
CA VAL B 143 -26.63 10.88 1.03
C VAL B 143 -28.03 10.39 0.70
N LYS B 144 -28.25 9.96 -0.53
CA LYS B 144 -29.55 9.39 -0.90
C LYS B 144 -29.82 8.08 -0.18
N GLN B 145 -28.79 7.28 0.06
CA GLN B 145 -28.98 6.03 0.79
C GLN B 145 -29.49 6.29 2.21
N ALA B 146 -29.08 7.41 2.81
CA ALA B 146 -29.51 7.77 4.15
C ALA B 146 -30.91 8.36 4.19
N GLY B 147 -31.54 8.57 3.04
CA GLY B 147 -32.83 9.22 2.98
C GLY B 147 -32.78 10.73 3.08
N ALA B 148 -31.60 11.32 3.01
CA ALA B 148 -31.45 12.76 3.10
C ALA B 148 -31.52 13.39 1.71
N SER B 149 -31.77 14.70 1.69
CA SER B 149 -31.84 15.47 0.46
C SER B 149 -30.53 16.24 0.25
N ILE B 150 -30.26 16.57 -1.01
CA ILE B 150 -29.05 17.28 -1.41
C ILE B 150 -29.43 18.71 -1.79
N ALA B 151 -28.89 19.68 -1.05
CA ALA B 151 -29.12 21.08 -1.38
C ALA B 151 -28.26 21.53 -2.55
N GLY B 152 -27.09 20.93 -2.71
CA GLY B 152 -26.20 21.29 -3.79
C GLY B 152 -24.80 20.81 -3.52
N ILE B 153 -23.90 21.17 -4.43
CA ILE B 153 -22.51 20.74 -4.41
C ILE B 153 -21.63 21.97 -4.55
N GLY B 154 -20.76 22.20 -3.56
CA GLY B 154 -19.80 23.29 -3.62
C GLY B 154 -18.42 22.74 -3.93
N ILE B 155 -17.77 23.37 -4.91
CA ILE B 155 -16.48 22.92 -5.42
C ILE B 155 -15.51 24.08 -5.39
N VAL B 156 -14.29 23.84 -4.92
CA VAL B 156 -13.28 24.90 -4.92
C VAL B 156 -12.74 25.13 -6.34
N ILE B 157 -12.23 24.08 -6.97
CA ILE B 157 -11.68 24.18 -8.32
C ILE B 157 -12.39 23.16 -9.20
N GLU B 158 -13.02 23.64 -10.27
CA GLU B 158 -13.70 22.80 -11.24
C GLU B 158 -12.96 22.86 -12.57
N LYS B 159 -12.68 21.69 -13.15
CA LYS B 159 -12.12 21.60 -14.49
C LYS B 159 -13.31 21.44 -15.44
N SER B 160 -13.77 22.57 -15.97
CA SER B 160 -15.01 22.59 -16.74
C SER B 160 -14.90 21.84 -18.06
N PHE B 161 -13.69 21.57 -18.52
CA PHE B 161 -13.49 20.81 -19.76
C PHE B 161 -13.61 19.30 -19.55
N GLN B 162 -13.82 18.85 -18.32
CA GLN B 162 -14.09 17.44 -18.02
C GLN B 162 -15.56 17.28 -17.64
N PRO B 163 -16.09 16.05 -17.77
CA PRO B 163 -17.54 15.87 -17.77
C PRO B 163 -18.21 15.87 -16.40
N GLY B 164 -17.48 16.07 -15.31
CA GLY B 164 -18.07 15.97 -13.99
C GLY B 164 -19.23 16.93 -13.78
N ARG B 165 -19.02 18.20 -14.10
CA ARG B 165 -20.04 19.21 -13.83
C ARG B 165 -21.31 18.93 -14.61
N ASP B 166 -21.20 18.67 -15.91
CA ASP B 166 -22.39 18.49 -16.73
C ASP B 166 -23.23 17.30 -16.25
N GLU B 167 -22.57 16.23 -15.77
CA GLU B 167 -23.31 15.07 -15.30
C GLU B 167 -24.16 15.43 -14.08
N LEU B 168 -23.60 16.21 -13.16
CA LEU B 168 -24.33 16.59 -11.95
C LEU B 168 -25.42 17.59 -12.26
N VAL B 169 -25.15 18.55 -13.14
CA VAL B 169 -26.19 19.50 -13.54
C VAL B 169 -27.33 18.78 -14.23
N LYS B 170 -27.01 17.83 -15.11
CA LYS B 170 -28.04 17.07 -15.80
C LYS B 170 -28.92 16.30 -14.83
N LEU B 171 -28.35 15.85 -13.71
CA LEU B 171 -29.12 15.16 -12.69
C LEU B 171 -29.93 16.09 -11.80
N GLY B 172 -29.86 17.41 -12.05
CA GLY B 172 -30.67 18.37 -11.33
C GLY B 172 -30.01 19.01 -10.14
N TYR B 173 -28.70 18.89 -9.99
CA TYR B 173 -28.02 19.39 -8.80
C TYR B 173 -27.44 20.76 -9.04
N ARG B 174 -27.54 21.62 -8.02
CA ARG B 174 -26.93 22.93 -8.04
C ARG B 174 -25.45 22.80 -7.73
N VAL B 175 -24.60 23.18 -8.69
CA VAL B 175 -23.16 23.08 -8.57
C VAL B 175 -22.60 24.50 -8.49
N GLU B 176 -21.93 24.82 -7.38
CA GLU B 176 -21.37 26.14 -7.13
C GLU B 176 -19.85 25.99 -7.08
N SER B 177 -19.18 26.36 -8.17
CA SER B 177 -17.74 26.22 -8.30
C SER B 177 -17.08 27.59 -8.21
N LEU B 178 -16.13 27.72 -7.29
CA LEU B 178 -15.53 29.02 -7.04
C LEU B 178 -14.48 29.39 -8.09
N ALA B 179 -13.80 28.40 -8.65
CA ALA B 179 -12.88 28.61 -9.77
C ALA B 179 -13.24 27.58 -10.84
N ARG B 180 -13.50 28.07 -12.04
CA ARG B 180 -13.89 27.22 -13.17
C ARG B 180 -12.81 27.35 -14.24
N ILE B 181 -12.12 26.25 -14.50
CA ILE B 181 -10.99 26.24 -15.44
C ILE B 181 -11.49 25.72 -16.78
N GLN B 182 -11.34 26.54 -17.82
CA GLN B 182 -11.76 26.14 -19.15
C GLN B 182 -10.73 25.28 -19.85
N SER B 183 -9.45 25.45 -19.51
CA SER B 183 -8.39 24.76 -20.22
C SER B 183 -7.10 24.85 -19.43
N LEU B 184 -6.31 23.77 -19.47
CA LEU B 184 -4.96 23.76 -18.96
C LEU B 184 -3.93 23.58 -20.09
N GLU B 185 -4.32 23.89 -21.32
CA GLU B 185 -3.46 23.60 -22.46
C GLU B 185 -2.28 24.55 -22.51
N GLU B 186 -1.18 24.07 -23.12
CA GLU B 186 0.04 24.85 -23.27
C GLU B 186 0.53 25.39 -21.93
N GLY B 187 0.42 24.56 -20.90
CA GLY B 187 0.98 24.89 -19.60
C GLY B 187 0.50 26.19 -19.01
N LYS B 188 -0.75 26.57 -19.28
CA LYS B 188 -1.32 27.79 -18.72
C LYS B 188 -2.75 27.52 -18.29
N VAL B 189 -3.16 28.20 -17.23
CA VAL B 189 -4.52 28.09 -16.71
C VAL B 189 -5.38 29.14 -17.40
N SER B 190 -6.43 28.70 -18.08
CA SER B 190 -7.43 29.58 -18.68
C SER B 190 -8.76 29.35 -17.97
N PHE B 191 -9.32 30.40 -17.39
CA PHE B 191 -10.58 30.30 -16.68
C PHE B 191 -11.77 30.49 -17.62
N VAL B 192 -12.91 29.94 -17.23
CA VAL B 192 -14.13 30.11 -18.01
C VAL B 192 -14.42 31.60 -18.13
N GLN B 193 -14.81 32.03 -19.33
CA GLN B 193 -15.06 33.44 -19.57
C GLN B 193 -16.18 33.96 -18.67
N GLU B 194 -15.98 35.17 -18.16
CA GLU B 194 -16.98 35.89 -17.39
C GLU B 194 -17.44 37.11 -18.18
N VAL B 195 -18.73 37.42 -18.13
CA VAL B 195 -19.26 38.54 -18.88
C VAL B 195 -18.99 39.86 -18.14
N ASN C 2 19.13 -19.66 -29.56
CA ASN C 2 18.66 -18.55 -28.68
C ASN C 2 17.60 -19.06 -27.70
N ALA C 3 17.22 -18.19 -26.76
CA ALA C 3 16.25 -18.59 -25.74
C ALA C 3 14.90 -18.94 -26.36
N GLU C 5 14.16 -20.23 -29.33
CA GLU C 5 14.22 -21.59 -29.87
C GLU C 5 14.25 -22.62 -28.74
N ALA C 6 15.08 -22.38 -27.72
CA ALA C 6 15.14 -23.31 -26.60
C ALA C 6 13.78 -23.45 -25.93
N LEU C 7 13.08 -22.33 -25.73
CA LEU C 7 11.76 -22.37 -25.11
C LEU C 7 10.76 -23.13 -25.99
N LYS C 8 10.72 -22.78 -27.28
CA LYS C 8 9.80 -23.46 -28.18
C LYS C 8 10.07 -24.96 -28.21
N ARG C 9 11.35 -25.36 -28.23
CA ARG C 9 11.68 -26.78 -28.19
C ARG C 9 11.14 -27.42 -26.91
N LYS C 10 11.40 -26.81 -25.76
CA LYS C 10 10.93 -27.38 -24.50
C LYS C 10 9.41 -27.49 -24.48
N ILE C 11 8.72 -26.52 -25.08
CA ILE C 11 7.25 -26.59 -25.14
C ILE C 11 6.83 -27.79 -25.98
N GLU C 12 7.46 -27.97 -27.15
CA GLU C 12 7.09 -29.06 -28.03
C GLU C 12 7.47 -30.41 -27.45
N GLU C 13 8.49 -30.46 -26.62
CA GLU C 13 8.98 -31.72 -26.06
C GLU C 13 8.26 -32.10 -24.77
N GLU C 14 8.04 -31.14 -23.87
CA GLU C 14 7.52 -31.44 -22.54
C GLU C 14 6.13 -30.87 -22.28
N GLY C 15 5.65 -29.96 -23.11
CA GLY C 15 4.33 -29.41 -22.90
C GLY C 15 3.23 -30.40 -23.25
N VAL C 16 2.11 -30.27 -22.56
CA VAL C 16 0.92 -31.10 -22.78
C VAL C 16 -0.26 -30.18 -22.98
N VAL C 17 -0.96 -30.34 -24.11
CA VAL C 17 -2.15 -29.54 -24.40
C VAL C 17 -3.35 -30.23 -23.74
N LEU C 18 -3.99 -29.53 -22.82
CA LEU C 18 -5.16 -30.04 -22.12
C LEU C 18 -6.42 -29.42 -22.73
N SER C 19 -7.34 -30.28 -23.17
CA SER C 19 -8.62 -29.83 -23.71
C SER C 19 -8.45 -28.75 -24.76
N ASP C 20 -7.43 -28.92 -25.60
CA ASP C 20 -7.16 -27.99 -26.69
C ASP C 20 -7.28 -26.54 -26.27
N GLN C 21 -6.89 -26.22 -25.03
CA GLN C 21 -7.13 -24.88 -24.50
C GLN C 21 -6.06 -24.42 -23.51
N VAL C 22 -5.58 -25.33 -22.68
CA VAL C 22 -4.61 -25.03 -21.64
C VAL C 22 -3.31 -25.76 -22.00
N LEU C 23 -2.19 -25.05 -21.88
CA LEU C 23 -0.87 -25.61 -22.16
C LEU C 23 -0.19 -25.93 -20.83
N LYS C 24 -0.08 -27.20 -20.49
CA LYS C 24 0.58 -27.60 -19.25
C LYS C 24 2.08 -27.69 -19.46
N VAL C 25 2.83 -26.83 -18.76
CA VAL C 25 4.28 -26.84 -18.79
C VAL C 25 4.79 -26.89 -17.35
N ASP C 26 4.20 -27.78 -16.55
CA ASP C 26 4.59 -27.94 -15.15
C ASP C 26 5.98 -28.54 -14.99
N SER C 27 6.55 -29.12 -16.05
CA SER C 27 7.86 -29.73 -15.92
C SER C 27 9.00 -28.73 -15.93
N PHE C 28 8.75 -27.48 -16.36
CA PHE C 28 9.83 -26.52 -16.37
C PHE C 28 9.45 -25.08 -16.06
N LEU C 29 8.16 -24.75 -15.93
CA LEU C 29 7.79 -23.37 -15.63
C LEU C 29 6.89 -23.20 -14.41
N ASN C 30 5.82 -23.99 -14.29
CA ASN C 30 4.75 -23.67 -13.36
C ASN C 30 4.69 -24.56 -12.12
N HIS C 31 5.66 -25.45 -11.92
CA HIS C 31 5.64 -26.28 -10.72
C HIS C 31 7.05 -26.81 -10.46
N GLN C 32 7.58 -27.55 -11.43
CA GLN C 32 9.01 -27.75 -11.55
C GLN C 32 9.56 -26.59 -12.37
N ILE C 33 10.72 -26.09 -11.99
CA ILE C 33 11.38 -24.99 -12.68
C ILE C 33 12.72 -25.50 -13.19
N ASP C 34 13.02 -25.22 -14.46
CA ASP C 34 14.32 -25.51 -15.05
C ASP C 34 15.19 -24.26 -14.90
N PRO C 35 16.08 -24.22 -13.90
CA PRO C 35 16.79 -22.95 -13.64
C PRO C 35 17.65 -22.49 -14.79
N LEU C 36 18.31 -23.41 -15.50
CA LEU C 36 19.13 -23.01 -16.64
C LEU C 36 18.29 -22.34 -17.71
N LEU C 37 17.17 -22.96 -18.08
CA LEU C 37 16.28 -22.34 -19.06
C LEU C 37 15.77 -21.00 -18.56
N GLN C 39 17.37 -18.95 -16.70
CA GLN C 39 18.44 -17.98 -16.87
C GLN C 39 18.55 -17.52 -18.32
N ARG C 40 18.43 -18.45 -19.26
CA ARG C 40 18.44 -18.07 -20.68
C ARG C 40 17.28 -17.13 -20.99
N ILE C 41 16.11 -17.41 -20.42
CA ILE C 41 14.96 -16.53 -20.62
C ILE C 41 15.25 -15.15 -20.06
N GLY C 42 15.79 -15.09 -18.84
CA GLY C 42 16.09 -13.80 -18.24
C GLY C 42 17.14 -13.03 -19.00
N ASP C 43 18.12 -13.73 -19.57
CA ASP C 43 19.14 -13.05 -20.36
C ASP C 43 18.57 -12.51 -21.65
N GLU C 44 17.55 -13.18 -22.23
CA GLU C 44 16.93 -12.66 -23.43
C GLU C 44 16.10 -11.42 -23.13
N PHE C 45 15.27 -11.46 -22.08
CA PHE C 45 14.53 -10.28 -21.66
C PHE C 45 15.50 -9.12 -21.41
N ALA C 46 16.57 -9.38 -20.66
CA ALA C 46 17.54 -8.33 -20.38
C ALA C 46 18.12 -7.76 -21.66
N SER C 47 18.42 -8.63 -22.64
CA SER C 47 18.97 -8.16 -23.90
C SER C 47 18.04 -7.16 -24.57
N ARG C 48 16.74 -7.44 -24.57
CA ARG C 48 15.80 -6.57 -25.25
C ARG C 48 15.61 -5.24 -24.54
N PHE C 49 15.92 -5.17 -23.24
CA PHE C 49 15.70 -3.96 -22.46
C PHE C 49 16.99 -3.40 -21.87
N ALA C 50 18.14 -3.83 -22.38
CA ALA C 50 19.40 -3.40 -21.80
C ALA C 50 19.69 -1.93 -22.05
N LYS C 51 19.00 -1.30 -23.00
CA LYS C 51 19.21 0.11 -23.34
C LYS C 51 17.96 0.94 -23.08
N ASP C 52 17.15 0.53 -22.10
CA ASP C 52 15.91 1.21 -21.78
C ASP C 52 15.93 1.89 -20.42
N GLY C 53 17.04 1.83 -19.69
CA GLY C 53 17.11 2.48 -18.40
C GLY C 53 16.23 1.85 -17.33
N ILE C 54 16.05 0.53 -17.37
CA ILE C 54 15.23 -0.14 -16.38
C ILE C 54 15.82 0.08 -14.99
N THR C 55 14.95 0.43 -14.03
CA THR C 55 15.36 0.53 -12.64
C THR C 55 14.80 -0.57 -11.76
N LYS C 56 13.75 -1.25 -12.20
CA LYS C 56 13.05 -2.21 -11.35
C LYS C 56 12.21 -3.10 -12.22
N ILE C 57 12.03 -4.35 -11.78
CA ILE C 57 11.14 -5.31 -12.41
C ILE C 57 9.97 -5.55 -11.47
N VAL C 58 8.77 -5.69 -12.04
CA VAL C 58 7.56 -6.00 -11.29
C VAL C 58 6.96 -7.27 -11.89
N THR C 59 6.60 -8.21 -11.03
CA THR C 59 5.96 -9.44 -11.46
C THR C 59 4.86 -9.74 -10.44
N ILE C 60 4.36 -10.97 -10.48
CA ILE C 60 3.32 -11.42 -9.56
C ILE C 60 3.60 -12.88 -9.20
N GLU C 61 3.47 -13.20 -7.92
CA GLU C 61 3.64 -14.59 -7.49
C GLU C 61 2.65 -15.50 -8.23
N SER C 62 3.03 -16.77 -8.45
CA SER C 62 4.32 -17.34 -8.09
C SER C 62 5.17 -17.71 -9.30
N SER C 63 4.50 -18.07 -10.40
CA SER C 63 5.19 -18.55 -11.59
C SER C 63 6.04 -17.46 -12.25
N GLY C 64 5.67 -16.18 -12.05
CA GLY C 64 6.45 -15.11 -12.66
C GLY C 64 7.78 -14.85 -11.97
N ILE C 65 7.97 -15.33 -10.74
CA ILE C 65 9.11 -14.92 -9.95
C ILE C 65 10.42 -15.39 -10.59
N ALA C 66 10.49 -16.68 -10.94
CA ALA C 66 11.73 -17.22 -11.46
C ALA C 66 12.21 -16.51 -12.72
N PRO C 67 11.42 -16.37 -13.78
CA PRO C 67 11.90 -15.59 -14.94
C PRO C 67 12.19 -14.13 -14.60
N ALA C 68 11.41 -13.54 -13.69
CA ALA C 68 11.65 -12.15 -13.32
C ALA C 68 12.98 -11.99 -12.59
N VAL C 69 13.30 -12.91 -11.69
CA VAL C 69 14.52 -12.79 -10.89
C VAL C 69 15.75 -12.98 -11.77
N THR C 71 15.87 -12.20 -14.90
CA THR C 71 15.97 -10.96 -15.67
C THR C 71 16.58 -9.85 -14.82
N GLY C 72 16.13 -9.71 -13.58
CA GLY C 72 16.70 -8.72 -12.69
C GLY C 72 18.17 -8.95 -12.40
N LEU C 73 18.58 -10.23 -12.33
CA LEU C 73 19.99 -10.53 -12.10
C LEU C 73 20.85 -10.02 -13.24
N LYS C 74 20.40 -10.22 -14.48
CA LYS C 74 21.20 -9.80 -15.64
C LYS C 74 21.18 -8.30 -15.81
N LEU C 75 20.04 -7.66 -15.57
CA LEU C 75 19.95 -6.21 -15.70
C LEU C 75 20.52 -5.48 -14.48
N GLY C 76 20.66 -6.16 -13.36
CA GLY C 76 21.17 -5.52 -12.16
C GLY C 76 20.15 -4.66 -11.44
N VAL C 77 18.89 -5.08 -11.41
CA VAL C 77 17.83 -4.30 -10.77
C VAL C 77 17.06 -5.21 -9.82
N PRO C 78 16.41 -4.63 -8.81
CA PRO C 78 15.59 -5.44 -7.91
C PRO C 78 14.29 -5.89 -8.58
N VAL C 79 13.65 -6.87 -7.96
CA VAL C 79 12.45 -7.50 -8.48
C VAL C 79 11.40 -7.47 -7.38
N VAL C 80 10.25 -6.88 -7.67
CA VAL C 80 9.12 -6.80 -6.74
C VAL C 80 8.02 -7.69 -7.29
N PHE C 81 7.56 -8.65 -6.49
CA PHE C 81 6.45 -9.51 -6.91
C PHE C 81 5.21 -9.13 -6.12
N ALA C 82 4.13 -8.85 -6.84
CA ALA C 82 2.85 -8.56 -6.23
C ALA C 82 2.32 -9.79 -5.50
N ARG C 83 1.53 -9.54 -4.47
CA ARG C 83 0.90 -10.59 -3.66
C ARG C 83 -0.55 -10.76 -4.07
N LYS C 84 -0.99 -12.01 -4.13
CA LYS C 84 -2.38 -12.35 -4.42
C LYS C 84 -3.21 -12.58 -3.17
N HIS C 85 -2.57 -12.97 -2.08
CA HIS C 85 -3.27 -13.32 -0.84
C HIS C 85 -2.73 -12.48 0.31
N LYS C 86 -3.48 -12.45 1.40
CA LYS C 86 -3.03 -11.72 2.58
C LYS C 86 -1.71 -12.30 3.07
N SER C 87 -0.79 -11.42 3.47
CA SER C 87 0.55 -11.81 3.86
C SER C 87 0.91 -11.19 5.19
N LEU C 88 1.96 -11.72 5.81
CA LEU C 88 2.31 -11.31 7.17
C LEU C 88 2.82 -9.88 7.20
N THR C 89 3.66 -9.49 6.24
CA THR C 89 4.33 -8.20 6.28
C THR C 89 3.89 -7.24 5.19
N LEU C 90 2.99 -7.65 4.30
CA LEU C 90 2.39 -6.73 3.32
C LEU C 90 1.10 -6.20 3.93
N THR C 91 1.19 -5.07 4.62
CA THR C 91 0.11 -4.58 5.46
C THR C 91 -0.35 -3.17 5.11
N ASP C 92 0.56 -2.23 4.96
CA ASP C 92 0.20 -0.83 4.75
C ASP C 92 0.90 -0.25 3.53
N ASN C 93 0.51 0.98 3.18
CA ASN C 93 1.03 1.66 2.00
C ASN C 93 0.76 0.86 0.74
N LEU C 94 -0.35 0.12 0.71
CA LEU C 94 -0.59 -0.83 -0.36
C LEU C 94 -1.10 -0.13 -1.62
N LEU C 95 -0.48 -0.46 -2.75
CA LEU C 95 -1.03 -0.18 -4.07
C LEU C 95 -1.72 -1.46 -4.55
N THR C 96 -2.99 -1.35 -4.90
CA THR C 96 -3.79 -2.53 -5.20
C THR C 96 -4.47 -2.39 -6.55
N ALA C 97 -4.82 -3.54 -7.12
CA ALA C 97 -5.58 -3.63 -8.35
C ALA C 97 -6.46 -4.87 -8.27
N SER C 98 -7.61 -4.81 -8.91
CA SER C 98 -8.54 -5.93 -8.93
C SER C 98 -8.38 -6.72 -10.23
N VAL C 99 -8.34 -8.03 -10.12
CA VAL C 99 -8.11 -8.93 -11.25
C VAL C 99 -9.35 -9.79 -11.41
N TYR C 100 -10.06 -9.62 -12.53
CA TYR C 100 -11.26 -10.39 -12.82
C TYR C 100 -10.88 -11.68 -13.51
N SER C 101 -11.44 -12.79 -13.03
CA SER C 101 -11.23 -14.09 -13.66
C SER C 101 -12.42 -14.38 -14.57
N PHE C 102 -12.18 -14.47 -15.87
CA PHE C 102 -13.23 -14.95 -16.76
C PHE C 102 -13.54 -16.42 -16.49
N THR C 103 -12.57 -17.15 -15.95
CA THR C 103 -12.73 -18.58 -15.67
C THR C 103 -13.72 -18.83 -14.53
N LYS C 104 -13.29 -18.62 -13.29
CA LYS C 104 -14.12 -18.86 -12.11
C LYS C 104 -15.05 -17.69 -11.82
N GLN C 105 -14.94 -16.58 -12.55
CA GLN C 105 -15.89 -15.48 -12.46
C GLN C 105 -15.85 -14.85 -11.06
N THR C 106 -14.65 -14.49 -10.64
CA THR C 106 -14.41 -13.82 -9.37
C THR C 106 -13.47 -12.64 -9.60
N GLU C 107 -13.68 -11.57 -8.85
CA GLU C 107 -12.72 -10.48 -8.79
C GLU C 107 -11.84 -10.67 -7.56
N SER C 108 -10.54 -10.58 -7.75
CA SER C 108 -9.57 -10.73 -6.67
C SER C 108 -8.66 -9.51 -6.68
N GLN C 109 -7.96 -9.31 -5.57
CA GLN C 109 -7.10 -8.14 -5.39
C GLN C 109 -5.64 -8.58 -5.36
N ILE C 110 -4.80 -7.82 -6.06
CA ILE C 110 -3.36 -7.99 -6.01
C ILE C 110 -2.78 -6.70 -5.44
N ALA C 111 -1.63 -6.81 -4.79
CA ALA C 111 -1.11 -5.69 -4.02
C ALA C 111 0.40 -5.62 -4.06
N VAL C 112 0.91 -4.39 -4.09
CA VAL C 112 2.33 -4.10 -4.02
C VAL C 112 2.52 -2.97 -3.01
N SER C 113 3.60 -3.04 -2.23
CA SER C 113 3.89 -1.99 -1.27
C SER C 113 4.36 -0.74 -1.99
N GLY C 114 3.70 0.40 -1.72
CA GLY C 114 4.07 1.63 -2.36
C GLY C 114 5.48 2.11 -2.04
N THR C 115 6.04 1.64 -0.93
CA THR C 115 7.40 2.05 -0.58
C THR C 115 8.45 1.48 -1.52
N HIS C 116 8.10 0.51 -2.35
CA HIS C 116 9.05 -0.12 -3.26
C HIS C 116 8.90 0.35 -4.70
N LEU C 117 8.02 1.31 -4.96
CA LEU C 117 7.89 1.92 -6.29
C LEU C 117 7.93 3.43 -6.13
N SER C 118 8.79 4.08 -6.90
CA SER C 118 8.96 5.52 -6.87
C SER C 118 8.46 6.11 -8.18
N ASP C 119 8.16 7.42 -8.15
CA ASP C 119 7.78 8.12 -9.37
C ASP C 119 8.93 8.16 -10.37
N GLN C 120 10.15 7.93 -9.92
CA GLN C 120 11.31 7.91 -10.81
C GLN C 120 11.65 6.51 -11.32
N ASP C 121 10.87 5.49 -10.95
CA ASP C 121 11.14 4.14 -11.42
C ASP C 121 10.71 3.99 -12.88
N HIS C 122 11.51 3.22 -13.64
CA HIS C 122 11.20 2.84 -15.02
C HIS C 122 11.13 1.32 -15.02
N VAL C 123 9.91 0.79 -15.13
CA VAL C 123 9.62 -0.58 -14.72
C VAL C 123 9.48 -1.50 -15.93
N LEU C 124 10.11 -2.66 -15.84
CA LEU C 124 9.87 -3.78 -16.76
C LEU C 124 8.99 -4.80 -16.05
N ILE C 125 7.79 -5.00 -16.56
CA ILE C 125 6.90 -6.04 -16.04
C ILE C 125 7.26 -7.37 -16.69
N ILE C 126 7.40 -8.41 -15.88
CA ILE C 126 7.70 -9.76 -16.34
C ILE C 126 6.62 -10.71 -15.82
N ASP C 127 6.14 -11.61 -16.68
CA ASP C 127 5.15 -12.60 -16.28
C ASP C 127 5.33 -13.85 -17.13
N ASP C 128 4.78 -14.96 -16.65
CA ASP C 128 5.01 -16.24 -17.31
C ASP C 128 4.07 -16.43 -18.49
N PHE C 129 2.77 -16.21 -18.28
CA PHE C 129 1.77 -16.39 -19.32
C PHE C 129 1.05 -15.08 -19.59
N LEU C 130 0.73 -14.84 -20.86
CA LEU C 130 -0.21 -13.78 -21.24
C LEU C 130 -1.36 -14.43 -22.00
N ALA C 131 -2.55 -14.41 -21.41
CA ALA C 131 -3.75 -14.97 -22.03
C ALA C 131 -4.81 -13.88 -22.14
N ASN C 132 -5.68 -13.78 -21.13
CA ASN C 132 -6.67 -12.71 -21.12
C ASN C 132 -6.12 -11.41 -20.56
N GLY C 133 -4.98 -11.46 -19.88
CA GLY C 133 -4.22 -10.26 -19.56
C GLY C 133 -4.68 -9.43 -18.38
N GLN C 134 -5.49 -9.99 -17.49
CA GLN C 134 -6.05 -9.18 -16.41
C GLN C 134 -5.00 -8.83 -15.37
N ALA C 135 -4.14 -9.78 -15.00
CA ALA C 135 -3.10 -9.48 -14.04
C ALA C 135 -2.10 -8.47 -14.60
N ALA C 136 -1.81 -8.57 -15.90
CA ALA C 136 -0.92 -7.60 -16.54
C ALA C 136 -1.50 -6.19 -16.45
N HIS C 137 -2.79 -6.04 -16.71
CA HIS C 137 -3.44 -4.75 -16.53
C HIS C 137 -3.33 -4.29 -15.09
N GLY C 138 -3.47 -5.21 -14.14
CA GLY C 138 -3.37 -4.86 -12.73
C GLY C 138 -2.00 -4.35 -12.36
N LEU C 139 -0.95 -5.00 -12.88
CA LEU C 139 0.41 -4.56 -12.59
C LEU C 139 0.69 -3.21 -13.26
N VAL C 140 0.13 -2.99 -14.44
CA VAL C 140 0.27 -1.69 -15.10
C VAL C 140 -0.36 -0.61 -14.22
N SER C 141 -1.57 -0.89 -13.71
CA SER C 141 -2.25 0.06 -12.84
C SER C 141 -1.41 0.37 -11.61
N ILE C 142 -0.88 -0.67 -10.95
CA ILE C 142 -0.09 -0.48 -9.74
C ILE C 142 1.13 0.39 -10.04
N VAL C 143 1.81 0.14 -11.15
CA VAL C 143 2.98 0.94 -11.51
C VAL C 143 2.56 2.39 -11.74
N LYS C 144 1.45 2.59 -12.47
CA LYS C 144 0.99 3.95 -12.72
C LYS C 144 0.55 4.64 -11.44
N GLN C 145 0.01 3.88 -10.48
CA GLN C 145 -0.39 4.48 -9.22
C GLN C 145 0.80 5.08 -8.47
N ALA C 146 1.99 4.50 -8.64
CA ALA C 146 3.19 5.02 -8.02
C ALA C 146 3.79 6.19 -8.77
N GLY C 147 3.18 6.61 -9.88
CA GLY C 147 3.77 7.63 -10.70
C GLY C 147 4.94 7.17 -11.54
N ALA C 148 5.13 5.86 -11.66
CA ALA C 148 6.26 5.30 -12.39
C ALA C 148 5.86 5.02 -13.83
N SER C 149 6.87 4.89 -14.69
CA SER C 149 6.67 4.59 -16.09
C SER C 149 6.92 3.11 -16.35
N ILE C 150 6.30 2.61 -17.42
CA ILE C 150 6.43 1.21 -17.84
C ILE C 150 7.29 1.18 -19.09
N ALA C 151 8.45 0.54 -19.00
CA ALA C 151 9.29 0.39 -20.17
C ALA C 151 8.71 -0.66 -21.12
N GLY C 152 8.02 -1.66 -20.59
CA GLY C 152 7.50 -2.72 -21.41
C GLY C 152 7.08 -3.89 -20.55
N ILE C 153 6.62 -4.94 -21.23
CA ILE C 153 6.07 -6.14 -20.60
C ILE C 153 6.72 -7.34 -21.26
N GLY C 154 7.44 -8.14 -20.47
CA GLY C 154 8.07 -9.36 -20.97
C GLY C 154 7.25 -10.56 -20.55
N ILE C 155 6.90 -11.38 -21.54
CA ILE C 155 6.05 -12.56 -21.35
C ILE C 155 6.82 -13.78 -21.84
N VAL C 156 6.81 -14.85 -21.05
CA VAL C 156 7.47 -16.08 -21.49
C VAL C 156 6.62 -16.76 -22.56
N ILE C 157 5.36 -17.03 -22.27
CA ILE C 157 4.45 -17.69 -23.21
C ILE C 157 3.21 -16.84 -23.40
N GLU C 158 2.94 -16.45 -24.64
CA GLU C 158 1.77 -15.69 -25.01
C GLU C 158 0.82 -16.57 -25.79
N LYS C 159 -0.45 -16.59 -25.39
CA LYS C 159 -1.51 -17.26 -26.15
C LYS C 159 -2.12 -16.18 -27.04
N SER C 160 -1.61 -16.10 -28.27
CA SER C 160 -1.89 -14.97 -29.15
C SER C 160 -3.33 -14.97 -29.66
N PHE C 161 -4.04 -16.09 -29.56
CA PHE C 161 -5.45 -16.12 -29.93
C PHE C 161 -6.37 -15.56 -28.84
N GLN C 162 -5.83 -15.23 -27.65
CA GLN C 162 -6.58 -14.58 -26.59
C GLN C 162 -6.23 -13.10 -26.55
N PRO C 163 -7.13 -12.25 -26.05
CA PRO C 163 -7.02 -10.81 -26.31
C PRO C 163 -6.06 -10.06 -25.41
N GLY C 164 -5.36 -10.72 -24.50
CA GLY C 164 -4.50 -10.00 -23.57
C GLY C 164 -3.47 -9.12 -24.26
N ARG C 165 -2.71 -9.71 -25.20
CA ARG C 165 -1.66 -8.96 -25.86
C ARG C 165 -2.22 -7.73 -26.59
N ASP C 166 -3.26 -7.94 -27.39
CA ASP C 166 -3.81 -6.82 -28.16
C ASP C 166 -4.26 -5.69 -27.25
N GLU C 167 -4.80 -6.02 -26.07
CA GLU C 167 -5.24 -4.99 -25.16
C GLU C 167 -4.07 -4.14 -24.69
N LEU C 168 -2.95 -4.78 -24.33
CA LEU C 168 -1.80 -4.03 -23.85
C LEU C 168 -1.16 -3.22 -24.97
N VAL C 169 -0.99 -3.81 -26.15
CA VAL C 169 -0.35 -3.11 -27.26
C VAL C 169 -1.18 -1.91 -27.68
N LYS C 170 -2.51 -2.05 -27.68
CA LYS C 170 -3.38 -0.94 -28.04
C LYS C 170 -3.16 0.24 -27.13
N LEU C 171 -2.90 -0.01 -25.85
CA LEU C 171 -2.64 1.06 -24.88
C LEU C 171 -1.25 1.67 -25.02
N GLY C 172 -0.44 1.18 -25.96
CA GLY C 172 0.86 1.74 -26.22
C GLY C 172 2.03 1.01 -25.60
N TYR C 173 1.80 -0.13 -24.95
CA TYR C 173 2.86 -0.81 -24.22
C TYR C 173 3.62 -1.77 -25.12
N ARG C 174 4.93 -1.78 -24.95
CA ARG C 174 5.82 -2.70 -25.65
C ARG C 174 5.72 -4.08 -25.01
N VAL C 175 5.27 -5.06 -25.79
CA VAL C 175 5.09 -6.43 -25.31
C VAL C 175 6.11 -7.31 -26.02
N GLU C 176 6.94 -7.99 -25.24
CA GLU C 176 8.03 -8.81 -25.74
C GLU C 176 7.76 -10.24 -25.28
N SER C 177 7.19 -11.05 -26.17
CA SER C 177 6.80 -12.42 -25.86
C SER C 177 7.77 -13.41 -26.50
N LEU C 178 8.34 -14.29 -25.69
CA LEU C 178 9.39 -15.18 -26.19
C LEU C 178 8.83 -16.36 -26.96
N ALA C 179 7.63 -16.82 -26.62
CA ALA C 179 6.93 -17.85 -27.39
C ALA C 179 5.50 -17.37 -27.61
N ARG C 180 5.08 -17.27 -28.87
CA ARG C 180 3.75 -16.79 -29.22
C ARG C 180 2.97 -17.96 -29.80
N ILE C 181 1.93 -18.39 -29.09
CA ILE C 181 1.16 -19.56 -29.49
C ILE C 181 -0.04 -19.11 -30.30
N GLN C 182 -0.12 -19.61 -31.54
CA GLN C 182 -1.21 -19.27 -32.44
C GLN C 182 -2.45 -20.12 -32.18
N SER C 183 -2.26 -21.38 -31.83
CA SER C 183 -3.37 -22.29 -31.63
C SER C 183 -2.95 -23.45 -30.75
N LEU C 184 -3.90 -23.96 -29.98
CA LEU C 184 -3.74 -25.19 -29.21
C LEU C 184 -4.71 -26.27 -29.67
N GLU C 185 -5.40 -26.08 -30.78
CA GLU C 185 -6.45 -27.00 -31.19
C GLU C 185 -5.87 -28.31 -31.69
N GLU C 186 -6.67 -29.37 -31.60
CA GLU C 186 -6.25 -30.72 -31.97
C GLU C 186 -5.10 -31.21 -31.10
N GLY C 187 -5.04 -30.71 -29.86
CA GLY C 187 -4.10 -31.22 -28.89
C GLY C 187 -2.64 -30.98 -29.21
N LYS C 188 -2.32 -29.94 -29.98
CA LYS C 188 -0.94 -29.64 -30.32
C LYS C 188 -0.72 -28.15 -30.34
N VAL C 189 0.52 -27.74 -30.12
CA VAL C 189 0.91 -26.34 -30.07
C VAL C 189 1.34 -25.90 -31.48
N SER C 190 0.74 -24.82 -31.97
CA SER C 190 1.16 -24.17 -33.20
C SER C 190 1.64 -22.76 -32.87
N PHE C 191 2.88 -22.45 -33.22
CA PHE C 191 3.44 -21.15 -32.95
C PHE C 191 3.15 -20.19 -34.10
N VAL C 192 3.12 -18.89 -33.78
CA VAL C 192 2.80 -17.88 -34.78
C VAL C 192 3.83 -17.90 -35.91
N GLN C 193 3.36 -17.60 -37.12
CA GLN C 193 4.20 -17.50 -38.31
C GLN C 193 4.99 -18.78 -38.53
N SER D 1 32.85 -10.04 0.37
CA SER D 1 31.99 -10.65 1.42
C SER D 1 31.49 -12.02 0.99
N ASN D 2 31.30 -12.92 1.94
CA ASN D 2 30.60 -14.16 1.67
C ASN D 2 29.09 -13.92 1.82
N ALA D 3 28.30 -14.93 1.52
CA ALA D 3 26.84 -14.75 1.56
C ALA D 3 26.37 -14.41 2.96
N GLU D 5 27.96 -12.92 5.45
CA GLU D 5 28.31 -11.55 5.80
C GLU D 5 27.36 -10.56 5.12
N ALA D 6 27.13 -10.72 3.81
CA ALA D 6 26.26 -9.81 3.09
C ALA D 6 24.83 -9.89 3.58
N LEU D 7 24.37 -11.08 3.96
CA LEU D 7 23.00 -11.23 4.47
C LEU D 7 22.85 -10.57 5.82
N LYS D 8 23.83 -10.75 6.71
CA LYS D 8 23.75 -10.12 8.02
C LYS D 8 23.76 -8.59 7.90
N ARG D 9 24.57 -8.06 6.98
CA ARG D 9 24.57 -6.62 6.75
C ARG D 9 23.20 -6.13 6.29
N LYS D 10 22.61 -6.81 5.31
CA LYS D 10 21.29 -6.41 4.83
C LYS D 10 20.25 -6.48 5.96
N ILE D 11 20.32 -7.53 6.78
CA ILE D 11 19.38 -7.65 7.90
C ILE D 11 19.56 -6.47 8.86
N GLU D 12 20.80 -6.15 9.20
CA GLU D 12 21.06 -5.06 10.15
C GLU D 12 20.58 -3.74 9.58
N GLU D 13 20.89 -3.47 8.31
CA GLU D 13 20.63 -2.15 7.73
C GLU D 13 19.16 -1.97 7.35
N GLU D 14 18.54 -3.00 6.78
CA GLU D 14 17.21 -2.88 6.20
C GLU D 14 16.14 -3.67 6.92
N GLY D 15 16.51 -4.63 7.78
CA GLY D 15 15.51 -5.37 8.51
C GLY D 15 14.82 -4.52 9.57
N VAL D 16 13.54 -4.80 9.78
CA VAL D 16 12.71 -4.06 10.72
C VAL D 16 12.07 -5.05 11.69
N VAL D 17 12.37 -4.88 12.98
CA VAL D 17 11.80 -5.75 14.00
C VAL D 17 10.40 -5.25 14.36
N LEU D 18 9.38 -6.06 14.07
CA LEU D 18 8.00 -5.69 14.35
C LEU D 18 7.48 -6.28 15.66
N SER D 19 8.15 -7.27 16.22
CA SER D 19 7.74 -7.87 17.49
C SER D 19 8.82 -8.87 17.89
N ASP D 20 8.59 -9.52 19.03
CA ASP D 20 9.53 -10.53 19.50
C ASP D 20 9.66 -11.69 18.51
N GLN D 21 8.70 -11.84 17.60
CA GLN D 21 8.64 -13.01 16.74
C GLN D 21 8.60 -12.71 15.25
N VAL D 22 8.66 -11.44 14.85
CA VAL D 22 8.51 -11.07 13.45
C VAL D 22 9.62 -10.11 13.06
N LEU D 23 10.36 -10.47 12.02
CA LEU D 23 11.43 -9.64 11.45
C LEU D 23 11.06 -9.31 10.01
N LYS D 24 10.78 -8.04 9.72
CA LYS D 24 10.37 -7.64 8.37
C LYS D 24 11.60 -7.46 7.48
N VAL D 25 11.65 -8.21 6.38
CA VAL D 25 12.74 -8.08 5.42
C VAL D 25 12.14 -7.98 4.02
N ASP D 26 11.04 -7.23 3.89
CA ASP D 26 10.34 -7.09 2.61
C ASP D 26 11.17 -6.36 1.56
N SER D 27 12.28 -5.75 1.94
CA SER D 27 13.07 -4.97 0.99
C SER D 27 14.06 -5.82 0.20
N PHE D 28 14.27 -7.07 0.57
CA PHE D 28 15.21 -7.90 -0.18
C PHE D 28 14.90 -9.38 -0.22
N LEU D 29 13.88 -9.82 0.53
CA LEU D 29 13.58 -11.25 0.54
C LEU D 29 12.12 -11.61 0.31
N ASN D 30 11.18 -10.93 0.99
CA ASN D 30 9.81 -11.38 1.02
C ASN D 30 8.84 -10.59 0.14
N HIS D 31 9.29 -9.58 -0.58
CA HIS D 31 8.39 -8.88 -1.50
C HIS D 31 9.19 -8.18 -2.59
N GLN D 32 10.16 -7.38 -2.18
CA GLN D 32 11.22 -6.96 -3.10
C GLN D 32 12.37 -7.95 -2.96
N ILE D 33 12.87 -8.46 -4.08
CA ILE D 33 13.95 -9.44 -4.09
C ILE D 33 15.20 -8.75 -4.65
N ASP D 34 16.33 -8.94 -3.98
CA ASP D 34 17.64 -8.53 -4.49
C ASP D 34 18.25 -9.72 -5.24
N PRO D 35 18.20 -9.72 -6.57
CA PRO D 35 18.65 -10.93 -7.30
C PRO D 35 20.11 -11.27 -7.08
N LEU D 36 20.99 -10.27 -7.00
CA LEU D 36 22.40 -10.56 -6.78
C LEU D 36 22.61 -11.23 -5.42
N LEU D 37 21.94 -10.73 -4.38
CA LEU D 37 22.02 -11.39 -3.08
C LEU D 37 21.51 -12.82 -3.16
N GLN D 39 21.62 -14.80 -5.73
CA GLN D 39 22.62 -15.61 -6.39
C GLN D 39 23.72 -16.02 -5.41
N ARG D 40 24.20 -15.07 -4.62
CA ARG D 40 25.21 -15.38 -3.62
C ARG D 40 24.69 -16.40 -2.62
N ILE D 41 23.43 -16.25 -2.20
CA ILE D 41 22.81 -17.20 -1.29
C ILE D 41 22.75 -18.59 -1.95
N GLY D 42 22.31 -18.63 -3.21
CA GLY D 42 22.25 -19.91 -3.90
C GLY D 42 23.62 -20.53 -4.09
N ASP D 43 24.63 -19.73 -4.41
CA ASP D 43 25.97 -20.25 -4.54
C ASP D 43 26.50 -20.78 -3.20
N GLU D 44 26.15 -20.12 -2.10
CA GLU D 44 26.59 -20.61 -0.79
C GLU D 44 25.94 -21.95 -0.48
N PHE D 45 24.63 -22.07 -0.70
CA PHE D 45 23.96 -23.35 -0.48
C PHE D 45 24.60 -24.44 -1.34
N ALA D 46 24.81 -24.15 -2.63
CA ALA D 46 25.40 -25.15 -3.52
C ALA D 46 26.77 -25.59 -3.03
N SER D 47 27.57 -24.65 -2.54
CA SER D 47 28.90 -25.01 -2.04
C SER D 47 28.80 -25.98 -0.87
N ARG D 48 27.87 -25.74 0.06
CA ARG D 48 27.77 -26.59 1.24
C ARG D 48 27.30 -27.99 0.87
N PHE D 49 26.51 -28.13 -0.20
CA PHE D 49 25.98 -29.42 -0.63
C PHE D 49 26.59 -29.88 -1.95
N ALA D 50 27.78 -29.39 -2.29
CA ALA D 50 28.35 -29.65 -3.60
C ALA D 50 28.75 -31.11 -3.77
N LYS D 51 29.11 -31.79 -2.68
CA LYS D 51 29.60 -33.16 -2.75
C LYS D 51 28.58 -34.17 -2.26
N ASP D 52 27.33 -33.78 -2.06
CA ASP D 52 26.33 -34.62 -1.43
C ASP D 52 25.40 -35.30 -2.42
N GLY D 53 25.62 -35.14 -3.72
CA GLY D 53 24.83 -35.86 -4.70
C GLY D 53 23.41 -35.35 -4.88
N ILE D 54 23.21 -34.03 -4.76
CA ILE D 54 21.87 -33.48 -4.89
C ILE D 54 21.36 -33.69 -6.31
N THR D 55 20.13 -34.17 -6.42
CA THR D 55 19.46 -34.30 -7.71
C THR D 55 18.30 -33.34 -7.90
N LYS D 56 17.83 -32.70 -6.83
CA LYS D 56 16.64 -31.87 -6.96
C LYS D 56 16.53 -30.96 -5.75
N ILE D 57 16.00 -29.76 -5.99
CA ILE D 57 15.66 -28.81 -4.94
C ILE D 57 14.15 -28.82 -4.77
N VAL D 58 13.70 -28.79 -3.51
CA VAL D 58 12.28 -28.67 -3.18
C VAL D 58 12.11 -27.46 -2.29
N THR D 59 11.13 -26.62 -2.62
CA THR D 59 10.82 -25.45 -1.83
C THR D 59 9.30 -25.27 -1.81
N ILE D 60 8.83 -24.12 -1.36
CA ILE D 60 7.42 -23.82 -1.30
C ILE D 60 7.21 -22.37 -1.71
N GLU D 61 6.16 -22.11 -2.48
CA GLU D 61 5.84 -20.74 -2.86
C GLU D 61 5.55 -19.91 -1.61
N SER D 62 5.85 -18.60 -1.65
CA SER D 62 6.45 -17.90 -2.78
C SER D 62 7.88 -17.44 -2.49
N SER D 63 8.15 -17.09 -1.24
CA SER D 63 9.45 -16.50 -0.89
C SER D 63 10.60 -17.49 -1.06
N GLY D 64 10.33 -18.78 -0.96
CA GLY D 64 11.40 -19.76 -1.11
C GLY D 64 11.89 -19.92 -2.53
N ILE D 65 11.12 -19.46 -3.52
CA ILE D 65 11.41 -19.79 -4.92
C ILE D 65 12.74 -19.16 -5.35
N ALA D 66 12.92 -17.87 -5.08
CA ALA D 66 14.11 -17.18 -5.55
C ALA D 66 15.40 -17.80 -5.01
N PRO D 67 15.57 -17.97 -3.69
CA PRO D 67 16.80 -18.65 -3.22
C PRO D 67 16.91 -20.07 -3.71
N ALA D 68 15.79 -20.77 -3.87
CA ALA D 68 15.83 -22.15 -4.35
C ALA D 68 16.30 -22.21 -5.80
N VAL D 69 15.80 -21.31 -6.65
CA VAL D 69 16.16 -21.37 -8.06
C VAL D 69 17.62 -21.05 -8.27
N THR D 71 19.97 -21.71 -6.11
CA THR D 71 20.69 -22.90 -5.67
C THR D 71 20.67 -23.97 -6.74
N GLY D 72 19.49 -24.22 -7.33
CA GLY D 72 19.42 -25.22 -8.39
C GLY D 72 20.23 -24.83 -9.62
N LEU D 73 20.26 -23.54 -9.93
CA LEU D 73 21.07 -23.07 -11.06
C LEU D 73 22.54 -23.42 -10.88
N LYS D 74 23.07 -23.17 -9.68
CA LYS D 74 24.48 -23.44 -9.44
C LYS D 74 24.75 -24.94 -9.40
N LEU D 75 23.88 -25.71 -8.74
CA LEU D 75 24.07 -27.15 -8.67
C LEU D 75 23.71 -27.85 -9.97
N GLY D 76 23.00 -27.19 -10.86
CA GLY D 76 22.56 -27.81 -12.10
C GLY D 76 21.47 -28.84 -11.92
N VAL D 77 20.49 -28.57 -11.07
CA VAL D 77 19.41 -29.51 -10.83
C VAL D 77 18.08 -28.77 -10.96
N PRO D 78 16.99 -29.49 -11.13
CA PRO D 78 15.66 -28.85 -11.18
C PRO D 78 15.20 -28.41 -9.80
N VAL D 79 14.23 -27.50 -9.82
CA VAL D 79 13.63 -26.95 -8.60
C VAL D 79 12.13 -27.16 -8.67
N VAL D 80 11.56 -27.72 -7.61
CA VAL D 80 10.12 -27.93 -7.49
C VAL D 80 9.61 -27.11 -6.32
N PHE D 81 8.57 -26.30 -6.55
CA PHE D 81 7.96 -25.53 -5.47
C PHE D 81 6.58 -26.10 -5.18
N ALA D 82 6.37 -26.50 -3.94
CA ALA D 82 5.06 -26.91 -3.47
C ALA D 82 4.08 -25.73 -3.53
N ARG D 83 2.81 -26.05 -3.73
CA ARG D 83 1.76 -25.05 -3.80
C ARG D 83 0.86 -25.12 -2.57
N LYS D 84 0.41 -23.95 -2.11
CA LYS D 84 -0.46 -23.84 -0.96
C LYS D 84 -1.93 -23.75 -1.32
N HIS D 85 -2.26 -23.38 -2.55
CA HIS D 85 -3.63 -23.26 -3.01
C HIS D 85 -3.82 -24.08 -4.27
N LYS D 86 -5.08 -24.40 -4.56
CA LYS D 86 -5.39 -25.04 -5.83
C LYS D 86 -4.89 -24.18 -6.98
N SER D 87 -4.37 -24.83 -8.02
CA SER D 87 -3.84 -24.15 -9.19
C SER D 87 -4.39 -24.81 -10.44
N LEU D 88 -4.16 -24.16 -11.59
CA LEU D 88 -4.80 -24.58 -12.82
C LEU D 88 -4.34 -25.97 -13.25
N THR D 89 -3.04 -26.24 -13.14
CA THR D 89 -2.46 -27.43 -13.75
C THR D 89 -1.93 -28.47 -12.77
N LEU D 90 -1.93 -28.19 -11.47
CA LEU D 90 -1.48 -29.16 -10.47
C LEU D 90 -2.66 -30.09 -10.17
N THR D 91 -2.77 -31.16 -10.96
CA THR D 91 -4.01 -31.94 -11.02
C THR D 91 -3.88 -33.43 -10.78
N ASP D 92 -2.66 -34.00 -10.82
CA ASP D 92 -2.56 -35.45 -10.71
C ASP D 92 -1.28 -35.86 -9.99
N ASN D 93 -1.28 -37.11 -9.52
CA ASN D 93 -0.18 -37.69 -8.75
C ASN D 93 0.18 -36.81 -7.55
N LEU D 94 -0.85 -36.28 -6.89
CA LEU D 94 -0.65 -35.32 -5.82
C LEU D 94 -0.05 -35.98 -4.58
N LEU D 95 1.03 -35.38 -4.08
CA LEU D 95 1.56 -35.70 -2.76
C LEU D 95 1.19 -34.55 -1.82
N THR D 96 0.51 -34.87 -0.73
CA THR D 96 -0.10 -33.88 0.15
C THR D 96 0.55 -33.92 1.53
N ALA D 97 0.53 -32.77 2.21
CA ALA D 97 0.96 -32.70 3.60
C ALA D 97 0.16 -31.61 4.30
N SER D 98 -0.17 -31.88 5.57
CA SER D 98 -0.88 -30.93 6.42
C SER D 98 0.12 -30.03 7.11
N VAL D 99 -0.12 -28.72 7.03
CA VAL D 99 0.73 -27.73 7.66
C VAL D 99 -0.12 -26.94 8.64
N TYR D 100 0.21 -27.05 9.92
CA TYR D 100 -0.53 -26.33 10.95
C TYR D 100 -0.09 -24.87 10.98
N SER D 101 -1.06 -23.97 10.91
CA SER D 101 -0.82 -22.54 11.04
C SER D 101 -1.06 -22.12 12.48
N PHE D 102 -0.10 -21.42 13.07
CA PHE D 102 -0.21 -21.02 14.47
C PHE D 102 -1.20 -19.87 14.63
N THR D 103 -1.24 -18.95 13.68
CA THR D 103 -2.24 -17.88 13.72
C THR D 103 -3.63 -18.43 13.45
N LYS D 104 -3.79 -19.17 12.36
CA LYS D 104 -5.10 -19.67 11.96
C LYS D 104 -5.58 -20.84 12.81
N GLN D 105 -4.68 -21.46 13.57
CA GLN D 105 -5.03 -22.55 14.49
C GLN D 105 -5.66 -23.74 13.79
N THR D 106 -5.46 -23.87 12.48
CA THR D 106 -5.99 -24.99 11.73
C THR D 106 -4.95 -25.46 10.73
N GLU D 107 -5.20 -26.62 10.13
CA GLU D 107 -4.30 -27.21 9.16
C GLU D 107 -4.69 -26.80 7.74
N SER D 108 -3.69 -26.42 6.94
CA SER D 108 -3.85 -26.20 5.52
C SER D 108 -2.98 -27.20 4.77
N GLN D 109 -3.32 -27.44 3.51
CA GLN D 109 -2.66 -28.47 2.72
C GLN D 109 -1.67 -27.84 1.74
N ILE D 110 -0.51 -28.47 1.61
CA ILE D 110 0.46 -28.14 0.56
C ILE D 110 0.61 -29.38 -0.32
N ALA D 111 0.94 -29.15 -1.58
CA ALA D 111 0.93 -30.24 -2.55
C ALA D 111 2.09 -30.14 -3.52
N VAL D 112 2.61 -31.31 -3.90
CA VAL D 112 3.59 -31.45 -4.96
C VAL D 112 3.14 -32.63 -5.82
N SER D 113 3.32 -32.51 -7.13
CA SER D 113 3.00 -33.61 -8.04
C SER D 113 4.14 -34.61 -8.02
N GLY D 114 3.81 -35.88 -7.74
CA GLY D 114 4.82 -36.93 -7.76
C GLY D 114 5.46 -37.12 -9.10
N THR D 115 4.87 -36.59 -10.17
CA THR D 115 5.52 -36.65 -11.48
C THR D 115 6.92 -36.05 -11.43
N HIS D 116 7.16 -35.12 -10.51
CA HIS D 116 8.42 -34.39 -10.44
C HIS D 116 9.27 -34.77 -9.25
N LEU D 117 8.93 -35.86 -8.55
CA LEU D 117 9.73 -36.35 -7.43
C LEU D 117 9.82 -37.87 -7.55
N SER D 118 11.04 -38.39 -7.62
CA SER D 118 11.30 -39.80 -7.80
C SER D 118 11.84 -40.42 -6.52
N ASP D 119 11.64 -41.74 -6.39
CA ASP D 119 12.26 -42.46 -5.28
C ASP D 119 13.77 -42.55 -5.43
N GLN D 120 14.31 -42.13 -6.57
CA GLN D 120 15.74 -42.05 -6.78
C GLN D 120 16.28 -40.64 -6.55
N ASP D 121 15.42 -39.70 -6.19
CA ASP D 121 15.88 -38.34 -5.94
C ASP D 121 16.56 -38.23 -4.59
N HIS D 122 17.57 -37.35 -4.53
CA HIS D 122 18.28 -36.98 -3.30
C HIS D 122 18.10 -35.46 -3.17
N VAL D 123 17.24 -35.04 -2.24
CA VAL D 123 16.65 -33.72 -2.28
C VAL D 123 17.29 -32.77 -1.28
N LEU D 124 17.52 -31.55 -1.71
CA LEU D 124 17.87 -30.43 -0.85
C LEU D 124 16.66 -29.52 -0.74
N ILE D 125 16.14 -29.35 0.48
CA ILE D 125 15.01 -28.45 0.74
C ILE D 125 15.55 -27.06 1.01
N ILE D 126 14.95 -26.05 0.37
CA ILE D 126 15.35 -24.66 0.51
C ILE D 126 14.13 -23.85 0.91
N ASP D 127 14.28 -22.99 1.91
CA ASP D 127 13.19 -22.11 2.32
C ASP D 127 13.76 -20.80 2.84
N ASP D 128 12.91 -19.78 2.90
CA ASP D 128 13.37 -18.45 3.26
C ASP D 128 13.53 -18.28 4.76
N PHE D 129 12.50 -18.66 5.53
CA PHE D 129 12.52 -18.54 6.99
C PHE D 129 12.34 -19.91 7.62
N LEU D 130 12.98 -20.10 8.78
CA LEU D 130 12.70 -21.23 9.65
C LEU D 130 12.30 -20.68 11.01
N ALA D 131 11.04 -20.92 11.39
CA ALA D 131 10.52 -20.43 12.66
C ALA D 131 9.99 -21.61 13.48
N ASN D 132 8.70 -21.89 13.38
CA ASN D 132 8.11 -23.04 14.04
C ASN D 132 8.23 -24.32 13.23
N GLY D 133 8.66 -24.23 11.97
CA GLY D 133 9.07 -25.40 11.20
C GLY D 133 7.98 -26.24 10.59
N GLN D 134 6.72 -25.77 10.59
CA GLN D 134 5.64 -26.62 10.11
C GLN D 134 5.73 -26.87 8.62
N ALA D 135 6.04 -25.83 7.83
CA ALA D 135 6.16 -26.01 6.39
C ALA D 135 7.32 -26.94 6.06
N ALA D 136 8.44 -26.79 6.78
CA ALA D 136 9.58 -27.68 6.56
C ALA D 136 9.21 -29.14 6.81
N HIS D 137 8.48 -29.40 7.90
CA HIS D 137 8.03 -30.76 8.18
C HIS D 137 7.13 -31.27 7.07
N GLY D 138 6.27 -30.40 6.52
CA GLY D 138 5.41 -30.81 5.43
C GLY D 138 6.18 -31.18 4.18
N LEU D 139 7.21 -30.38 3.85
CA LEU D 139 8.05 -30.70 2.69
C LEU D 139 8.82 -32.00 2.92
N VAL D 140 9.33 -32.21 4.13
CA VAL D 140 9.98 -33.48 4.46
C VAL D 140 9.01 -34.64 4.21
N SER D 141 7.78 -34.50 4.69
CA SER D 141 6.79 -35.57 4.53
C SER D 141 6.54 -35.87 3.06
N ILE D 142 6.42 -34.83 2.23
CA ILE D 142 6.15 -35.04 0.82
C ILE D 142 7.32 -35.75 0.14
N VAL D 143 8.55 -35.34 0.45
CA VAL D 143 9.72 -36.00 -0.11
C VAL D 143 9.74 -37.47 0.27
N LYS D 144 9.50 -37.75 1.56
CA LYS D 144 9.46 -39.14 2.03
C LYS D 144 8.34 -39.93 1.34
N GLN D 145 7.16 -39.31 1.20
CA GLN D 145 6.07 -39.98 0.50
C GLN D 145 6.50 -40.42 -0.90
N ALA D 146 7.32 -39.59 -1.57
CA ALA D 146 7.81 -39.93 -2.89
C ALA D 146 8.88 -41.01 -2.86
N GLY D 147 9.33 -41.43 -1.69
CA GLY D 147 10.39 -42.40 -1.57
C GLY D 147 11.79 -41.85 -1.70
N ALA D 148 11.93 -40.52 -1.78
CA ALA D 148 13.23 -39.90 -1.95
C ALA D 148 13.89 -39.65 -0.60
N SER D 149 15.19 -39.42 -0.64
CA SER D 149 15.99 -39.11 0.54
C SER D 149 16.18 -37.60 0.62
N ILE D 150 16.56 -37.15 1.81
CA ILE D 150 16.71 -35.73 2.10
C ILE D 150 18.17 -35.49 2.47
N ALA D 151 18.88 -34.74 1.62
CA ALA D 151 20.26 -34.41 1.92
C ALA D 151 20.37 -33.39 3.04
N GLY D 152 19.43 -32.46 3.12
CA GLY D 152 19.50 -31.41 4.12
C GLY D 152 18.48 -30.34 3.84
N ILE D 153 18.47 -29.35 4.72
CA ILE D 153 17.53 -28.24 4.64
C ILE D 153 18.34 -26.95 4.70
N GLY D 154 18.21 -26.13 3.65
CA GLY D 154 18.90 -24.85 3.59
C GLY D 154 17.93 -23.72 3.86
N ILE D 155 18.28 -22.88 4.82
CA ILE D 155 17.43 -21.81 5.32
C ILE D 155 18.18 -20.50 5.19
N VAL D 156 17.50 -19.46 4.68
CA VAL D 156 18.13 -18.15 4.57
C VAL D 156 18.21 -17.49 5.95
N ILE D 157 17.07 -17.34 6.61
CA ILE D 157 17.02 -16.74 7.94
C ILE D 157 16.36 -17.71 8.91
N GLU D 158 17.09 -18.09 9.95
CA GLU D 158 16.59 -18.96 11.00
C GLU D 158 16.40 -18.16 12.28
N LYS D 159 15.24 -18.31 12.92
CA LYS D 159 15.00 -17.75 14.24
C LYS D 159 15.31 -18.86 15.24
N SER D 160 16.53 -18.82 15.77
CA SER D 160 17.05 -19.90 16.61
C SER D 160 16.31 -20.04 17.93
N PHE D 161 15.60 -19.00 18.37
CA PHE D 161 14.87 -19.06 19.62
C PHE D 161 13.49 -19.70 19.48
N GLN D 162 13.10 -20.13 18.28
CA GLN D 162 11.87 -20.86 18.07
C GLN D 162 12.18 -22.32 17.74
N PRO D 163 11.24 -23.23 17.99
CA PRO D 163 11.59 -24.67 18.03
C PRO D 163 11.81 -25.33 16.68
N GLY D 164 11.61 -24.63 15.57
CA GLY D 164 11.69 -25.28 14.27
C GLY D 164 13.00 -26.01 14.04
N ARG D 165 14.11 -25.35 14.30
CA ARG D 165 15.41 -25.95 14.01
C ARG D 165 15.64 -27.20 14.85
N ASP D 166 15.47 -27.09 16.17
CA ASP D 166 15.75 -28.23 17.05
C ASP D 166 14.92 -29.45 16.65
N GLU D 167 13.68 -29.22 16.20
CA GLU D 167 12.83 -30.34 15.81
C GLU D 167 13.39 -31.07 14.60
N LEU D 168 13.89 -30.32 13.61
CA LEU D 168 14.47 -30.95 12.43
C LEU D 168 15.78 -31.64 12.76
N VAL D 169 16.62 -31.00 13.57
CA VAL D 169 17.90 -31.61 13.96
C VAL D 169 17.64 -32.90 14.71
N LYS D 170 16.66 -32.90 15.62
CA LYS D 170 16.36 -34.10 16.40
C LYS D 170 15.91 -35.25 15.50
N LEU D 171 15.30 -34.94 14.36
CA LEU D 171 14.91 -35.97 13.41
C LEU D 171 16.07 -36.43 12.54
N GLY D 172 17.25 -35.83 12.70
CA GLY D 172 18.43 -36.27 12.00
C GLY D 172 18.80 -35.50 10.76
N TYR D 173 18.12 -34.38 10.49
CA TYR D 173 18.33 -33.65 9.26
C TYR D 173 19.43 -32.61 9.42
N ARG D 174 20.22 -32.46 8.36
CA ARG D 174 21.25 -31.43 8.29
C ARG D 174 20.60 -30.09 7.95
N VAL D 175 20.70 -29.14 8.85
CA VAL D 175 20.11 -27.81 8.69
C VAL D 175 21.24 -26.82 8.49
N GLU D 176 21.21 -26.12 7.35
CA GLU D 176 22.23 -25.14 6.99
C GLU D 176 21.54 -23.78 6.87
N SER D 177 21.67 -22.96 7.91
CA SER D 177 21.02 -21.66 7.97
C SER D 177 22.07 -20.56 7.84
N LEU D 178 21.87 -19.67 6.86
CA LEU D 178 22.87 -18.67 6.54
C LEU D 178 22.86 -17.49 7.50
N ALA D 179 21.71 -17.19 8.11
CA ALA D 179 21.61 -16.18 9.15
C ALA D 179 20.84 -16.80 10.31
N ARG D 180 21.47 -16.86 11.48
CA ARG D 180 20.87 -17.46 12.67
C ARG D 180 20.66 -16.36 13.70
N ILE D 181 19.39 -16.13 14.05
CA ILE D 181 18.99 -15.05 14.93
C ILE D 181 18.69 -15.62 16.31
N GLN D 182 19.41 -15.11 17.32
CA GLN D 182 19.21 -15.59 18.69
C GLN D 182 18.02 -14.94 19.36
N SER D 183 17.69 -13.70 18.99
CA SER D 183 16.58 -13.01 19.65
C SER D 183 16.23 -11.75 18.86
N LEU D 184 14.96 -11.37 18.94
CA LEU D 184 14.47 -10.11 18.41
C LEU D 184 13.98 -9.18 19.51
N GLU D 185 14.18 -9.57 20.77
CA GLU D 185 13.71 -8.76 21.90
C GLU D 185 14.37 -7.39 21.87
N GLU D 186 13.66 -6.40 22.41
CA GLU D 186 14.11 -5.01 22.42
C GLU D 186 14.10 -4.39 21.04
N GLY D 187 13.33 -4.96 20.11
CA GLY D 187 13.27 -4.41 18.77
C GLY D 187 14.60 -4.30 18.08
N LYS D 188 15.46 -5.29 18.23
CA LYS D 188 16.75 -5.31 17.56
C LYS D 188 17.14 -6.75 17.29
N VAL D 189 17.81 -6.97 16.16
CA VAL D 189 18.24 -8.31 15.79
C VAL D 189 19.53 -8.65 16.54
N SER D 190 19.57 -9.84 17.14
CA SER D 190 20.77 -10.36 17.79
C SER D 190 21.06 -11.73 17.20
N PHE D 191 22.23 -11.87 16.57
CA PHE D 191 22.58 -13.11 15.91
C PHE D 191 23.20 -14.09 16.90
N VAL D 192 23.06 -15.39 16.58
CA VAL D 192 23.70 -16.41 17.39
C VAL D 192 25.19 -16.14 17.46
N GLN D 193 25.77 -16.32 18.63
CA GLN D 193 27.21 -16.11 18.81
C GLN D 193 27.99 -17.04 17.88
N GLU D 194 29.03 -16.49 17.28
CA GLU D 194 29.88 -17.26 16.37
C GLU D 194 31.26 -17.50 16.97
#